data_5YS2
#
_entry.id   5YS2
#
_cell.length_a   91.911
_cell.length_b   119.850
_cell.length_c   123.771
_cell.angle_alpha   90.00
_cell.angle_beta   90.00
_cell.angle_gamma   90.00
#
_symmetry.space_group_name_H-M   'P 2 21 21'
#
_entity_poly.entity_id   1
_entity_poly.type   'polypeptide(L)'
_entity_poly.pdbx_seq_one_letter_code
;TRAASASPAPGTGATPDGFSAEESLEEIDGAVSPGPSDAPDGEYGDLDARTAVRAAATERDRFYVCPPPSGSTVVRLEPE
QACPEYSGGSGNDMLSRIAAAWCELQNKDRTLWGEMSRLNPSAVATAALGQRVSARMLGDVMAISRCVEVRGGVYVQNSM
RVPGERGTCYSRPLVTFEHNGTGVIEGQLGDDNELLISRDLIEPCTGNHRRYFKLGGGYVYYEDYSYVRMVEVPETISTR
VTLNLTHHHHHHHH
;
_entity_poly.pdbx_strand_id   A,B,C,D,E,F
#
# COMPACT_ATOMS: atom_id res chain seq x y z
N ARG A 62 7.78 -37.80 -31.82
CA ARG A 62 8.22 -39.09 -31.28
C ARG A 62 7.30 -39.57 -30.16
N PHE A 63 7.58 -40.75 -29.62
CA PHE A 63 6.78 -41.29 -28.54
C PHE A 63 7.69 -41.72 -27.38
N TYR A 64 7.16 -41.72 -26.16
CA TYR A 64 7.99 -42.04 -25.00
C TYR A 64 7.29 -42.80 -23.91
N VAL A 65 7.99 -43.76 -23.32
CA VAL A 65 7.48 -44.39 -22.10
C VAL A 65 8.30 -43.85 -20.95
N CYS A 66 7.63 -43.57 -19.84
CA CYS A 66 8.36 -43.08 -18.70
C CYS A 66 8.45 -44.12 -17.61
N PRO A 67 9.67 -44.64 -17.39
CA PRO A 67 9.93 -45.57 -16.29
C PRO A 67 9.76 -44.78 -15.00
N PRO A 68 9.42 -45.46 -13.90
CA PRO A 68 9.30 -44.71 -12.64
C PRO A 68 10.67 -44.38 -12.04
N PRO A 69 10.93 -43.11 -11.75
CA PRO A 69 12.23 -42.76 -11.14
C PRO A 69 12.42 -43.50 -9.80
N SER A 70 13.67 -43.86 -9.48
CA SER A 70 13.97 -44.46 -8.18
C SER A 70 14.74 -43.48 -7.32
N GLY A 71 14.75 -43.72 -6.00
CA GLY A 71 15.65 -43.02 -5.10
C GLY A 71 17.07 -43.51 -5.33
N SER A 72 17.65 -43.12 -6.46
CA SER A 72 19.02 -43.46 -6.78
C SER A 72 19.82 -42.17 -6.79
N THR A 73 19.60 -41.39 -7.84
CA THR A 73 20.22 -40.09 -8.01
C THR A 73 19.19 -39.04 -7.64
N VAL A 74 19.52 -38.20 -6.67
CA VAL A 74 18.59 -37.17 -6.25
C VAL A 74 19.14 -35.77 -6.56
N VAL A 75 18.27 -34.91 -7.10
CA VAL A 75 18.66 -33.56 -7.48
C VAL A 75 17.69 -32.53 -6.91
N ARG A 76 18.02 -31.26 -7.10
CA ARG A 76 17.18 -30.14 -6.62
C ARG A 76 17.35 -28.97 -7.59
N LEU A 77 16.37 -28.05 -7.59
CA LEU A 77 16.52 -26.80 -8.37
C LEU A 77 17.70 -25.96 -7.87
N GLU A 78 18.53 -25.53 -8.82
CA GLU A 78 19.59 -24.56 -8.56
C GLU A 78 18.93 -23.34 -7.92
N PRO A 79 19.51 -22.84 -6.80
CA PRO A 79 18.94 -21.71 -6.07
C PRO A 79 19.09 -20.41 -6.85
N GLU A 80 18.52 -19.31 -6.33
CA GLU A 80 18.76 -18.00 -6.90
C GLU A 80 20.26 -17.71 -6.86
N GLN A 81 20.74 -16.90 -7.79
CA GLN A 81 22.18 -16.60 -7.93
C GLN A 81 22.57 -15.17 -7.53
N ALA A 82 23.78 -15.01 -7.00
CA ALA A 82 24.32 -13.69 -6.72
C ALA A 82 24.54 -12.91 -8.03
N CYS A 83 24.16 -11.64 -8.08
CA CYS A 83 24.26 -10.88 -9.35
C CYS A 83 25.46 -9.91 -9.51
N ASP A 93 28.81 -0.66 -21.10
CA ASP A 93 28.02 -0.20 -19.96
C ASP A 93 26.57 -0.62 -20.09
N MET A 94 25.98 -0.37 -21.26
CA MET A 94 24.59 -0.78 -21.49
C MET A 94 24.51 -2.29 -21.44
N LEU A 95 25.53 -2.95 -21.99
CA LEU A 95 25.61 -4.42 -21.97
C LEU A 95 25.83 -4.96 -20.55
N SER A 96 26.12 -4.06 -19.60
CA SER A 96 26.28 -4.43 -18.19
C SER A 96 24.95 -4.42 -17.43
N ARG A 97 24.18 -3.35 -17.62
CA ARG A 97 22.84 -3.21 -17.04
C ARG A 97 21.95 -4.34 -17.56
N ILE A 98 22.03 -4.57 -18.87
CA ILE A 98 21.31 -5.65 -19.52
C ILE A 98 21.67 -6.97 -18.86
N ALA A 99 22.97 -7.19 -18.69
CA ALA A 99 23.46 -8.38 -18.02
C ALA A 99 22.88 -8.49 -16.60
N ALA A 100 22.78 -7.35 -15.92
CA ALA A 100 22.21 -7.31 -14.56
C ALA A 100 20.71 -7.65 -14.57
N ALA A 101 19.96 -6.98 -15.42
CA ALA A 101 18.53 -7.26 -15.58
C ALA A 101 18.34 -8.73 -15.92
N TRP A 102 19.19 -9.23 -16.79
CA TRP A 102 19.09 -10.61 -17.21
C TRP A 102 19.28 -11.54 -16.02
N CYS A 103 20.20 -11.18 -15.15
CA CYS A 103 20.44 -11.96 -13.94
C CYS A 103 19.18 -11.95 -13.06
N GLU A 104 18.74 -10.76 -12.71
CA GLU A 104 17.57 -10.55 -11.86
C GLU A 104 16.32 -11.27 -12.39
N LEU A 105 16.14 -11.22 -13.71
CA LEU A 105 15.02 -11.86 -14.36
C LEU A 105 15.07 -13.36 -14.09
N GLN A 106 16.29 -13.92 -14.13
CA GLN A 106 16.47 -15.34 -13.83
C GLN A 106 16.19 -15.65 -12.38
N ASN A 107 16.60 -14.73 -11.50
CA ASN A 107 16.31 -14.90 -10.07
C ASN A 107 14.81 -14.89 -9.79
N LYS A 108 14.09 -14.07 -10.55
CA LYS A 108 12.68 -13.88 -10.31
C LYS A 108 11.87 -15.02 -10.90
N ASP A 109 12.23 -15.45 -12.11
CA ASP A 109 11.59 -16.58 -12.76
C ASP A 109 11.77 -17.86 -11.94
N ARG A 110 12.78 -17.88 -11.08
CA ARG A 110 13.17 -19.07 -10.33
C ARG A 110 12.02 -19.57 -9.48
N THR A 111 11.28 -18.58 -8.97
CA THR A 111 10.16 -18.84 -8.09
C THR A 111 8.98 -19.45 -8.89
N LEU A 112 8.83 -19.05 -10.15
CA LEU A 112 7.81 -19.63 -10.99
C LEU A 112 8.14 -21.09 -11.21
N TRP A 113 9.40 -21.38 -11.51
CA TRP A 113 9.83 -22.75 -11.70
C TRP A 113 9.67 -23.60 -10.44
N GLY A 114 9.88 -23.00 -9.28
CA GLY A 114 9.77 -23.75 -8.05
C GLY A 114 8.35 -24.17 -7.80
N GLU A 115 7.42 -23.25 -7.98
CA GLU A 115 6.02 -23.57 -7.74
C GLU A 115 5.52 -24.71 -8.63
N MET A 116 5.95 -24.73 -9.89
CA MET A 116 5.51 -25.74 -10.82
C MET A 116 6.11 -27.12 -10.48
N SER A 117 7.37 -27.11 -10.09
CA SER A 117 8.05 -28.33 -9.71
C SER A 117 7.30 -29.16 -8.62
N ARG A 118 6.24 -28.62 -8.03
CA ARG A 118 5.49 -29.37 -7.01
C ARG A 118 4.34 -30.13 -7.62
N LEU A 119 3.66 -29.50 -8.57
CA LEU A 119 2.54 -30.14 -9.25
C LEU A 119 3.03 -30.99 -10.43
N ASN A 120 3.98 -30.42 -11.18
CA ASN A 120 4.52 -31.06 -12.37
C ASN A 120 6.03 -30.97 -12.42
N PRO A 121 6.71 -31.72 -11.53
CA PRO A 121 8.17 -31.81 -11.51
C PRO A 121 8.74 -32.33 -12.82
N SER A 122 8.03 -33.28 -13.44
CA SER A 122 8.44 -33.89 -14.69
C SER A 122 8.70 -32.83 -15.74
N ALA A 123 7.67 -32.06 -16.07
CA ALA A 123 7.80 -30.97 -17.03
C ALA A 123 8.89 -29.98 -16.63
N VAL A 124 9.04 -29.72 -15.34
CA VAL A 124 10.13 -28.82 -14.89
C VAL A 124 11.50 -29.40 -15.26
N ALA A 125 11.75 -30.62 -14.81
CA ALA A 125 12.96 -31.35 -15.14
C ALA A 125 13.26 -31.44 -16.65
N THR A 126 12.31 -31.92 -17.45
CA THR A 126 12.62 -32.04 -18.86
C THR A 126 13.01 -30.74 -19.52
N ALA A 127 12.34 -29.65 -19.15
CA ALA A 127 12.72 -28.32 -19.64
C ALA A 127 14.15 -27.98 -19.24
N ALA A 128 14.44 -28.16 -17.96
CA ALA A 128 15.74 -27.82 -17.42
C ALA A 128 16.81 -28.77 -17.94
N LEU A 129 16.40 -29.95 -18.39
CA LEU A 129 17.39 -30.95 -18.78
C LEU A 129 17.68 -31.04 -20.28
N GLY A 130 16.72 -30.66 -21.12
CA GLY A 130 16.90 -30.80 -22.55
C GLY A 130 16.49 -32.16 -23.12
N GLN A 131 16.23 -33.12 -22.24
CA GLN A 131 15.79 -34.45 -22.65
C GLN A 131 14.50 -34.80 -21.92
N ARG A 132 13.59 -35.54 -22.55
CA ARG A 132 12.31 -35.86 -21.90
C ARG A 132 12.56 -36.79 -20.71
N VAL A 133 12.31 -36.28 -19.51
CA VAL A 133 12.54 -37.08 -18.33
C VAL A 133 11.25 -37.14 -17.53
N SER A 134 11.22 -37.96 -16.50
CA SER A 134 10.10 -37.99 -15.60
C SER A 134 10.69 -37.68 -14.24
N ALA A 135 9.84 -37.42 -13.26
CA ALA A 135 10.34 -36.99 -11.96
C ALA A 135 9.27 -37.01 -10.89
N ARG A 136 9.68 -37.26 -9.65
CA ARG A 136 8.75 -37.13 -8.54
C ARG A 136 9.37 -36.38 -7.34
N MET A 137 8.54 -35.66 -6.60
CA MET A 137 9.06 -34.95 -5.44
C MET A 137 9.15 -35.92 -4.26
N LEU A 138 10.34 -35.96 -3.64
CA LEU A 138 10.55 -36.63 -2.37
C LEU A 138 10.82 -35.53 -1.34
N GLY A 139 9.74 -34.95 -0.82
CA GLY A 139 9.85 -33.75 -0.01
C GLY A 139 10.23 -32.53 -0.85
N ASP A 140 11.45 -32.05 -0.67
CA ASP A 140 11.89 -30.86 -1.37
C ASP A 140 12.96 -31.26 -2.36
N VAL A 141 13.10 -32.55 -2.55
CA VAL A 141 14.07 -33.02 -3.51
C VAL A 141 13.41 -33.84 -4.64
N MET A 142 14.13 -33.98 -5.75
CA MET A 142 13.53 -34.54 -6.97
C MET A 142 14.18 -35.85 -7.39
N ALA A 143 13.35 -36.82 -7.72
CA ALA A 143 13.84 -38.09 -8.22
C ALA A 143 13.68 -38.08 -9.74
N ILE A 144 14.68 -38.57 -10.47
CA ILE A 144 14.66 -38.53 -11.95
C ILE A 144 14.70 -39.94 -12.58
N SER A 145 14.21 -40.04 -13.82
CA SER A 145 14.59 -41.12 -14.75
C SER A 145 14.39 -40.63 -16.20
N ARG A 146 15.29 -41.04 -17.10
CA ARG A 146 15.15 -40.68 -18.50
C ARG A 146 14.00 -41.46 -19.12
N CYS A 147 13.38 -40.91 -20.14
CA CYS A 147 12.26 -41.57 -20.72
C CYS A 147 12.73 -42.36 -21.93
N VAL A 148 12.22 -43.57 -22.06
CA VAL A 148 12.62 -44.44 -23.15
C VAL A 148 11.85 -44.01 -24.39
N GLU A 149 12.56 -43.97 -25.52
CA GLU A 149 11.96 -43.63 -26.79
C GLU A 149 11.21 -44.84 -27.37
N VAL A 150 9.96 -44.62 -27.76
CA VAL A 150 9.08 -45.68 -28.27
C VAL A 150 9.36 -46.05 -29.73
N ARG A 151 9.64 -47.33 -29.96
CA ARG A 151 10.01 -47.83 -31.27
C ARG A 151 8.95 -48.80 -31.78
N GLY A 152 8.23 -48.41 -32.82
CA GLY A 152 7.20 -49.28 -33.35
C GLY A 152 5.85 -48.63 -33.62
N GLY A 153 4.91 -49.46 -34.03
CA GLY A 153 3.59 -48.98 -34.38
C GLY A 153 2.76 -48.86 -33.13
N VAL A 154 1.59 -48.22 -33.27
CA VAL A 154 0.71 -48.00 -32.14
C VAL A 154 -0.71 -48.29 -32.61
N TYR A 155 -1.53 -48.87 -31.75
CA TYR A 155 -2.91 -49.07 -32.11
C TYR A 155 -3.78 -48.16 -31.22
N VAL A 156 -4.53 -47.24 -31.83
CA VAL A 156 -5.41 -46.40 -31.01
C VAL A 156 -6.80 -47.03 -30.98
N GLN A 157 -7.34 -47.24 -29.78
CA GLN A 157 -8.67 -47.82 -29.65
C GLN A 157 -9.67 -46.80 -30.12
N ASN A 158 -10.89 -47.26 -30.43
CA ASN A 158 -11.90 -46.38 -31.00
C ASN A 158 -12.84 -45.85 -29.92
N SER A 159 -13.08 -46.65 -28.89
CA SER A 159 -14.03 -46.29 -27.82
C SER A 159 -13.37 -45.95 -26.48
N MET A 160 -13.63 -44.75 -25.99
CA MET A 160 -13.06 -44.31 -24.74
C MET A 160 -13.96 -44.62 -23.54
N ARG A 161 -15.02 -45.38 -23.79
CA ARG A 161 -15.86 -45.85 -22.69
C ARG A 161 -15.19 -47.04 -22.01
N VAL A 162 -15.12 -46.99 -20.68
CA VAL A 162 -14.66 -48.13 -19.89
C VAL A 162 -15.68 -49.25 -20.07
N PRO A 163 -15.20 -50.47 -20.37
CA PRO A 163 -16.08 -51.63 -20.53
C PRO A 163 -16.75 -52.06 -19.21
N GLY A 164 -16.09 -51.77 -18.09
CA GLY A 164 -16.56 -52.19 -16.78
C GLY A 164 -17.79 -51.48 -16.22
N GLU A 165 -17.95 -50.19 -16.54
CA GLU A 165 -19.07 -49.42 -16.01
C GLU A 165 -19.67 -48.41 -16.97
N ARG A 166 -20.96 -48.14 -16.81
CA ARG A 166 -21.57 -46.97 -17.43
C ARG A 166 -21.12 -45.80 -16.60
N GLY A 167 -21.44 -44.59 -17.05
CA GLY A 167 -21.08 -43.41 -16.29
C GLY A 167 -19.61 -43.06 -16.42
N THR A 168 -18.72 -44.02 -16.12
CA THR A 168 -17.27 -43.77 -16.19
C THR A 168 -16.62 -44.14 -17.53
N CYS A 169 -15.69 -43.29 -17.97
CA CYS A 169 -14.97 -43.46 -19.23
C CYS A 169 -13.52 -43.05 -19.04
N TYR A 170 -12.76 -43.05 -20.13
CA TYR A 170 -11.35 -42.64 -20.09
C TYR A 170 -11.16 -41.16 -20.46
N SER A 171 -10.30 -40.45 -19.70
CA SER A 171 -10.05 -39.02 -19.94
C SER A 171 -9.23 -38.80 -21.19
N ARG A 172 -8.34 -39.75 -21.47
CA ARG A 172 -7.50 -39.75 -22.68
C ARG A 172 -7.59 -41.12 -23.37
N PRO A 173 -7.36 -41.18 -24.71
CA PRO A 173 -7.54 -42.40 -25.53
C PRO A 173 -6.58 -43.56 -25.23
N LEU A 174 -7.12 -44.78 -25.20
CA LEU A 174 -6.31 -45.97 -24.91
C LEU A 174 -5.43 -46.34 -26.10
N VAL A 175 -4.25 -46.88 -25.82
CA VAL A 175 -3.33 -47.32 -26.86
C VAL A 175 -2.74 -48.70 -26.54
N THR A 176 -2.29 -49.39 -27.59
CA THR A 176 -1.50 -50.59 -27.42
C THR A 176 -0.28 -50.39 -28.31
N PHE A 177 0.89 -50.64 -27.75
CA PHE A 177 2.15 -50.49 -28.47
C PHE A 177 3.04 -51.57 -27.89
N GLU A 178 4.31 -51.59 -28.27
CA GLU A 178 5.20 -52.64 -27.76
C GLU A 178 6.65 -52.38 -28.03
N HIS A 179 7.50 -52.54 -27.01
CA HIS A 179 8.94 -52.81 -27.24
C HIS A 179 9.68 -52.78 -25.93
N ASN A 180 11.01 -52.93 -26.02
CA ASN A 180 11.86 -53.15 -24.86
C ASN A 180 11.41 -54.32 -23.99
N GLY A 181 11.96 -54.40 -22.78
CA GLY A 181 11.51 -55.33 -21.78
C GLY A 181 10.19 -54.91 -21.13
N THR A 182 9.14 -55.71 -21.30
CA THR A 182 9.18 -56.95 -22.05
C THR A 182 7.83 -57.27 -22.67
N GLY A 183 7.68 -56.95 -23.95
CA GLY A 183 6.43 -57.21 -24.66
C GLY A 183 5.44 -56.09 -24.96
N VAL A 184 4.23 -56.51 -25.35
CA VAL A 184 3.15 -55.60 -25.75
C VAL A 184 2.47 -54.96 -24.54
N ILE A 185 2.29 -53.64 -24.59
CA ILE A 185 1.61 -52.91 -23.51
C ILE A 185 0.23 -52.35 -23.89
N GLU A 186 -0.77 -52.62 -23.06
CA GLU A 186 -2.09 -52.01 -23.20
C GLU A 186 -2.18 -50.86 -22.21
N GLY A 187 -1.90 -49.65 -22.68
CA GLY A 187 -1.85 -48.50 -21.82
C GLY A 187 -2.74 -47.37 -22.30
N GLN A 188 -2.29 -46.13 -22.11
CA GLN A 188 -3.03 -45.00 -22.68
C GLN A 188 -2.19 -43.79 -23.02
N LEU A 189 -2.75 -42.95 -23.87
CA LEU A 189 -2.08 -41.75 -24.37
C LEU A 189 -1.99 -40.68 -23.28
N GLY A 190 -0.76 -40.27 -22.94
CA GLY A 190 -0.54 -39.20 -21.98
C GLY A 190 -0.34 -37.81 -22.60
N ASP A 191 0.36 -36.93 -21.89
CA ASP A 191 0.63 -35.58 -22.38
C ASP A 191 1.84 -35.60 -23.30
N ASP A 192 1.86 -34.70 -24.27
CA ASP A 192 3.07 -34.44 -25.05
C ASP A 192 3.70 -35.71 -25.60
N ASN A 193 2.84 -36.62 -26.07
CA ASN A 193 3.29 -37.86 -26.72
C ASN A 193 4.04 -38.85 -25.81
N GLU A 194 3.57 -38.92 -24.56
CA GLU A 194 3.96 -39.94 -23.63
C GLU A 194 2.91 -41.02 -23.68
N LEU A 195 3.35 -42.25 -23.92
CA LEU A 195 2.47 -43.39 -23.81
C LEU A 195 2.57 -43.93 -22.39
N LEU A 196 1.41 -44.02 -21.74
CA LEU A 196 1.32 -44.58 -20.40
C LEU A 196 1.09 -46.10 -20.45
N ILE A 197 1.42 -46.76 -19.35
CA ILE A 197 1.05 -48.15 -19.16
C ILE A 197 -0.23 -48.23 -18.34
N SER A 198 -0.21 -47.66 -17.14
CA SER A 198 -1.39 -47.64 -16.30
C SER A 198 -2.57 -47.05 -17.07
N ARG A 199 -3.69 -47.76 -17.07
CA ARG A 199 -4.93 -47.19 -17.60
C ARG A 199 -5.88 -46.77 -16.50
N ASP A 200 -5.68 -45.56 -15.96
CA ASP A 200 -6.48 -45.09 -14.84
C ASP A 200 -7.05 -43.69 -15.01
N LEU A 201 -6.78 -43.05 -16.14
CA LEU A 201 -7.26 -41.69 -16.37
C LEU A 201 -8.76 -41.70 -16.67
N ILE A 202 -9.53 -41.54 -15.61
CA ILE A 202 -10.96 -41.82 -15.59
C ILE A 202 -11.81 -40.59 -15.23
N GLU A 203 -12.90 -40.39 -15.97
CA GLU A 203 -13.83 -39.32 -15.69
C GLU A 203 -15.24 -39.79 -16.04
N PRO A 204 -16.24 -39.37 -15.25
CA PRO A 204 -17.65 -39.63 -15.55
C PRO A 204 -18.07 -39.10 -16.92
N CYS A 205 -18.98 -39.81 -17.60
CA CYS A 205 -19.43 -39.41 -18.94
C CYS A 205 -20.22 -38.10 -18.95
N THR A 206 -20.12 -37.36 -20.05
CA THR A 206 -20.90 -36.13 -20.24
C THR A 206 -21.45 -36.11 -21.67
N GLY A 207 -22.59 -35.47 -21.85
CA GLY A 207 -23.14 -35.28 -23.19
C GLY A 207 -22.38 -34.22 -23.96
N ASN A 208 -22.55 -34.24 -25.29
CA ASN A 208 -21.85 -33.31 -26.18
C ASN A 208 -20.38 -33.19 -25.79
N HIS A 209 -19.68 -34.32 -25.84
CA HIS A 209 -18.32 -34.39 -25.33
C HIS A 209 -17.26 -34.45 -26.43
N ARG A 210 -16.75 -33.28 -26.78
CA ARG A 210 -15.71 -33.18 -27.79
C ARG A 210 -14.36 -33.10 -27.11
N ARG A 211 -13.39 -33.85 -27.64
CA ARG A 211 -12.00 -33.78 -27.21
C ARG A 211 -11.08 -33.88 -28.42
N TYR A 212 -9.85 -33.39 -28.29
CA TYR A 212 -8.80 -33.62 -29.27
C TYR A 212 -7.61 -34.06 -28.42
N PHE A 213 -6.72 -34.86 -29.00
CA PHE A 213 -5.57 -35.33 -28.25
C PHE A 213 -4.36 -35.29 -29.14
N LYS A 214 -3.24 -34.77 -28.66
CA LYS A 214 -2.04 -34.78 -29.47
C LYS A 214 -1.63 -36.22 -29.75
N LEU A 215 -1.35 -36.52 -31.02
CA LEU A 215 -0.89 -37.85 -31.41
C LEU A 215 0.19 -37.70 -32.46
N GLY A 216 1.44 -37.97 -32.08
CA GLY A 216 2.56 -37.66 -32.94
C GLY A 216 2.58 -36.21 -33.38
N GLY A 217 2.53 -35.99 -34.70
CA GLY A 217 2.53 -34.66 -35.26
C GLY A 217 1.14 -34.05 -35.25
N GLY A 218 0.14 -34.85 -35.59
CA GLY A 218 -1.22 -34.38 -35.66
C GLY A 218 -2.04 -34.69 -34.42
N TYR A 219 -3.36 -34.58 -34.57
CA TYR A 219 -4.28 -34.72 -33.45
C TYR A 219 -5.41 -35.67 -33.81
N VAL A 220 -5.91 -36.42 -32.84
CA VAL A 220 -7.02 -37.34 -33.05
C VAL A 220 -8.33 -36.85 -32.43
N TYR A 221 -9.33 -36.58 -33.26
CA TYR A 221 -10.62 -36.06 -32.80
C TYR A 221 -11.52 -37.13 -32.14
N TYR A 222 -12.41 -36.72 -31.23
CA TYR A 222 -13.23 -37.68 -30.47
C TYR A 222 -14.59 -37.11 -30.02
N GLU A 223 -15.64 -37.38 -30.78
CA GLU A 223 -17.00 -36.97 -30.35
C GLU A 223 -17.80 -38.01 -29.57
N ASP A 224 -18.43 -37.55 -28.49
CA ASP A 224 -19.13 -38.39 -27.51
C ASP A 224 -18.51 -39.73 -27.12
N TYR A 225 -17.19 -39.70 -26.94
CA TYR A 225 -16.40 -40.82 -26.38
C TYR A 225 -16.01 -41.92 -27.38
N SER A 226 -16.00 -41.60 -28.66
CA SER A 226 -15.47 -42.53 -29.66
C SER A 226 -14.80 -41.83 -30.85
N TYR A 227 -13.85 -42.55 -31.46
CA TYR A 227 -13.00 -42.01 -32.53
C TYR A 227 -13.82 -41.51 -33.73
N VAL A 228 -13.40 -40.39 -34.29
CA VAL A 228 -13.98 -39.83 -35.51
C VAL A 228 -12.94 -39.81 -36.61
N ARG A 229 -12.00 -38.86 -36.56
CA ARG A 229 -10.98 -38.80 -37.60
C ARG A 229 -9.67 -38.22 -37.13
N MET A 230 -8.65 -38.32 -37.96
CA MET A 230 -7.39 -37.67 -37.67
C MET A 230 -7.47 -36.27 -38.23
N VAL A 231 -6.92 -35.31 -37.50
CA VAL A 231 -6.97 -33.90 -37.91
C VAL A 231 -5.62 -33.23 -37.93
N GLU A 232 -5.69 -31.91 -37.97
CA GLU A 232 -4.52 -31.05 -37.97
C GLU A 232 -4.90 -29.78 -37.22
N VAL A 233 -3.95 -28.86 -37.08
CA VAL A 233 -4.19 -27.59 -36.41
C VAL A 233 -3.17 -26.59 -36.90
N PRO A 234 -3.47 -25.92 -38.03
CA PRO A 234 -2.56 -24.91 -38.56
C PRO A 234 -2.56 -23.67 -37.68
N GLU A 235 -3.56 -23.59 -36.80
CA GLU A 235 -3.86 -22.39 -36.02
C GLU A 235 -3.06 -22.28 -34.74
N THR A 236 -1.96 -21.54 -34.84
CA THR A 236 -1.00 -21.41 -33.75
C THR A 236 -1.15 -20.09 -32.98
N ILE A 237 -1.13 -20.19 -31.66
CA ILE A 237 -1.30 -19.04 -30.79
C ILE A 237 -0.04 -18.90 -29.97
N SER A 238 0.53 -17.69 -29.93
CA SER A 238 1.82 -17.52 -29.29
C SER A 238 1.85 -16.51 -28.16
N THR A 239 2.60 -16.83 -27.11
CA THR A 239 2.94 -15.87 -26.06
C THR A 239 4.39 -15.52 -26.22
N ARG A 240 5.01 -16.08 -27.26
CA ARG A 240 6.42 -15.81 -27.51
C ARG A 240 6.62 -14.31 -27.76
N VAL A 241 7.77 -13.76 -27.39
CA VAL A 241 8.11 -12.38 -27.72
C VAL A 241 9.28 -12.34 -28.72
N THR A 242 9.12 -11.59 -29.81
CA THR A 242 10.15 -11.48 -30.85
C THR A 242 11.21 -10.39 -30.59
N LEU A 243 12.43 -10.66 -31.05
CA LEU A 243 13.56 -9.75 -30.95
C LEU A 243 14.41 -9.81 -32.23
N ASN A 244 14.03 -9.04 -33.25
CA ASN A 244 14.71 -9.05 -34.55
C ASN A 244 15.92 -8.10 -34.56
N LEU A 245 17.11 -8.64 -34.32
CA LEU A 245 18.33 -7.84 -34.28
C LEU A 245 19.07 -7.84 -35.62
N ASP B 61 -10.78 0.19 -15.50
CA ASP B 61 -10.74 -0.64 -16.70
C ASP B 61 -12.12 -1.19 -17.09
N ARG B 62 -12.23 -1.75 -18.29
CA ARG B 62 -13.52 -2.10 -18.90
C ARG B 62 -14.11 -3.41 -18.39
N PHE B 63 -15.43 -3.53 -18.48
CA PHE B 63 -16.11 -4.77 -18.15
C PHE B 63 -16.38 -5.62 -19.37
N TYR B 64 -16.16 -6.93 -19.27
CA TYR B 64 -16.49 -7.81 -20.38
C TYR B 64 -17.39 -8.96 -19.95
N VAL B 65 -18.24 -9.39 -20.89
CA VAL B 65 -18.91 -10.69 -20.78
C VAL B 65 -18.18 -11.63 -21.72
N CYS B 66 -18.14 -12.91 -21.36
CA CYS B 66 -17.47 -13.89 -22.19
C CYS B 66 -18.38 -15.01 -22.73
N PRO B 67 -18.73 -14.90 -24.02
CA PRO B 67 -19.55 -15.91 -24.69
C PRO B 67 -18.84 -17.25 -24.67
N PRO B 68 -19.59 -18.33 -24.37
CA PRO B 68 -19.11 -19.71 -24.33
C PRO B 68 -18.43 -20.09 -25.64
N PRO B 69 -17.23 -20.67 -25.55
CA PRO B 69 -16.50 -21.19 -26.72
C PRO B 69 -17.23 -22.37 -27.35
N SER B 70 -17.56 -22.26 -28.63
CA SER B 70 -18.08 -23.38 -29.40
C SER B 70 -16.93 -24.24 -29.91
N GLY B 71 -17.23 -25.47 -30.31
CA GLY B 71 -16.21 -26.34 -30.87
C GLY B 71 -15.73 -25.94 -32.26
N SER B 72 -15.93 -24.67 -32.64
CA SER B 72 -15.59 -24.16 -33.96
C SER B 72 -14.12 -23.75 -34.03
N THR B 73 -13.83 -22.58 -33.49
CA THR B 73 -12.46 -22.07 -33.43
C THR B 73 -11.61 -22.95 -32.50
N VAL B 74 -10.74 -23.76 -33.09
CA VAL B 74 -9.80 -24.58 -32.34
C VAL B 74 -8.33 -24.24 -32.65
N VAL B 75 -7.58 -23.84 -31.62
CA VAL B 75 -6.18 -23.46 -31.76
C VAL B 75 -5.30 -24.13 -30.72
N ARG B 76 -3.99 -24.12 -30.96
CA ARG B 76 -3.04 -24.69 -30.02
C ARG B 76 -1.91 -23.68 -29.73
N LEU B 77 -1.14 -23.98 -28.68
CA LEU B 77 -0.04 -23.10 -28.28
C LEU B 77 1.19 -23.29 -29.14
N GLU B 78 1.62 -22.21 -29.78
CA GLU B 78 2.82 -22.23 -30.61
C GLU B 78 3.94 -22.97 -29.90
N PRO B 79 4.41 -24.07 -30.52
CA PRO B 79 5.45 -24.96 -30.01
C PRO B 79 6.79 -24.25 -29.77
N GLU B 80 7.73 -24.96 -29.16
CA GLU B 80 9.05 -24.39 -28.96
C GLU B 80 9.65 -24.11 -30.34
N GLN B 81 10.43 -23.05 -30.41
CA GLN B 81 10.99 -22.59 -31.68
C GLN B 81 12.50 -22.82 -31.73
N ALA B 82 12.99 -23.25 -32.89
CA ALA B 82 14.42 -23.53 -33.05
C ALA B 82 15.22 -22.25 -32.84
N CYS B 83 16.46 -22.40 -32.40
CA CYS B 83 17.28 -21.23 -32.13
C CYS B 83 18.52 -21.16 -33.00
N PRO B 84 18.72 -19.99 -33.63
CA PRO B 84 19.85 -19.63 -34.50
C PRO B 84 21.23 -20.12 -34.02
N ASP B 93 28.72 -9.15 -32.10
CA ASP B 93 28.72 -10.50 -31.54
C ASP B 93 28.02 -10.55 -30.18
N MET B 94 27.94 -9.42 -29.50
CA MET B 94 27.17 -9.34 -28.27
C MET B 94 25.69 -9.13 -28.56
N LEU B 95 25.39 -8.78 -29.81
CA LEU B 95 24.01 -8.74 -30.29
C LEU B 95 23.53 -10.12 -30.77
N SER B 96 24.39 -11.13 -30.60
CA SER B 96 24.08 -12.48 -31.07
C SER B 96 23.93 -13.49 -29.95
N ARG B 97 24.67 -13.28 -28.85
CA ARG B 97 24.56 -14.16 -27.67
C ARG B 97 23.27 -13.83 -26.94
N ILE B 98 22.85 -12.57 -27.09
CA ILE B 98 21.62 -12.09 -26.51
C ILE B 98 20.44 -12.69 -27.24
N ALA B 99 20.51 -12.71 -28.57
CA ALA B 99 19.41 -13.22 -29.38
C ALA B 99 19.17 -14.71 -29.15
N ALA B 100 20.24 -15.46 -28.93
CA ALA B 100 20.13 -16.89 -28.71
C ALA B 100 19.58 -17.19 -27.31
N ALA B 101 20.08 -16.48 -26.30
CA ALA B 101 19.56 -16.63 -24.95
C ALA B 101 18.07 -16.26 -24.91
N TRP B 102 17.72 -15.19 -25.61
CA TRP B 102 16.37 -14.68 -25.62
C TRP B 102 15.45 -15.76 -26.17
N CYS B 103 15.97 -16.45 -27.18
CA CYS B 103 15.27 -17.57 -27.78
C CYS B 103 15.13 -18.71 -26.77
N GLU B 104 16.23 -19.10 -26.14
CA GLU B 104 16.21 -20.19 -25.15
C GLU B 104 15.30 -19.85 -23.97
N LEU B 105 15.25 -18.57 -23.62
CA LEU B 105 14.35 -18.10 -22.58
C LEU B 105 12.91 -18.31 -23.01
N GLN B 106 12.57 -17.80 -24.19
CA GLN B 106 11.21 -17.90 -24.72
C GLN B 106 10.76 -19.34 -24.82
N ASN B 107 11.68 -20.22 -25.18
CA ASN B 107 11.41 -21.66 -25.32
C ASN B 107 11.09 -22.33 -23.98
N LYS B 108 11.97 -22.09 -23.01
CA LYS B 108 11.80 -22.60 -21.66
C LYS B 108 10.51 -22.08 -21.04
N ASP B 109 10.25 -20.79 -21.18
CA ASP B 109 9.02 -20.19 -20.65
C ASP B 109 7.74 -20.88 -21.17
N ARG B 110 7.79 -21.35 -22.42
CA ARG B 110 6.65 -22.04 -23.00
C ARG B 110 6.19 -23.22 -22.13
N THR B 111 7.11 -23.79 -21.35
CA THR B 111 6.70 -24.86 -20.45
C THR B 111 5.81 -24.31 -19.33
N LEU B 112 6.15 -23.11 -18.84
CA LEU B 112 5.31 -22.44 -17.85
C LEU B 112 3.96 -22.09 -18.46
N TRP B 113 3.97 -21.42 -19.61
CA TRP B 113 2.73 -21.15 -20.35
C TRP B 113 1.90 -22.42 -20.60
N GLY B 114 2.56 -23.51 -20.97
CA GLY B 114 1.87 -24.79 -21.10
C GLY B 114 1.09 -25.18 -19.86
N GLU B 115 1.76 -25.21 -18.72
CA GLU B 115 1.07 -25.51 -17.45
C GLU B 115 -0.09 -24.59 -17.13
N MET B 116 -0.08 -23.37 -17.64
CA MET B 116 -1.15 -22.47 -17.25
C MET B 116 -2.35 -22.67 -18.12
N SER B 117 -2.09 -22.94 -19.39
CA SER B 117 -3.14 -23.29 -20.34
C SER B 117 -4.04 -24.39 -19.81
N ARG B 118 -3.47 -25.35 -19.09
CA ARG B 118 -4.28 -26.45 -18.53
C ARG B 118 -5.37 -25.92 -17.60
N LEU B 119 -5.00 -24.98 -16.73
CA LEU B 119 -5.91 -24.54 -15.67
C LEU B 119 -6.64 -23.26 -16.06
N ASN B 120 -5.91 -22.33 -16.62
CA ASN B 120 -6.46 -21.04 -16.99
C ASN B 120 -6.18 -20.81 -18.45
N PRO B 121 -6.91 -21.51 -19.32
CA PRO B 121 -6.63 -21.33 -20.73
C PRO B 121 -7.06 -19.94 -21.17
N SER B 122 -8.12 -19.39 -20.56
CA SER B 122 -8.65 -18.09 -20.99
C SER B 122 -7.57 -17.05 -20.85
N ALA B 123 -6.86 -17.06 -19.74
CA ALA B 123 -5.89 -15.99 -19.47
C ALA B 123 -4.60 -16.16 -20.27
N VAL B 124 -4.28 -17.40 -20.61
CA VAL B 124 -3.13 -17.65 -21.46
C VAL B 124 -3.43 -17.12 -22.86
N ALA B 125 -4.66 -17.32 -23.31
CA ALA B 125 -5.05 -16.88 -24.65
C ALA B 125 -5.25 -15.36 -24.76
N THR B 126 -5.73 -14.69 -23.70
CA THR B 126 -5.84 -13.24 -23.75
C THR B 126 -4.47 -12.60 -23.89
N ALA B 127 -3.53 -13.05 -23.07
CA ALA B 127 -2.14 -12.61 -23.13
C ALA B 127 -1.47 -12.89 -24.46
N ALA B 128 -1.81 -14.03 -25.06
CA ALA B 128 -1.21 -14.42 -26.31
C ALA B 128 -1.76 -13.59 -27.48
N LEU B 129 -3.04 -13.29 -27.45
CA LEU B 129 -3.68 -12.57 -28.54
C LEU B 129 -3.84 -11.07 -28.32
N GLY B 130 -3.42 -10.59 -27.15
CA GLY B 130 -3.59 -9.20 -26.77
C GLY B 130 -5.01 -8.64 -26.86
N GLN B 131 -6.00 -9.44 -26.50
CA GLN B 131 -7.41 -9.04 -26.52
C GLN B 131 -8.15 -9.87 -25.46
N ARG B 132 -9.32 -9.45 -25.03
CA ARG B 132 -10.04 -10.24 -24.02
C ARG B 132 -10.77 -11.44 -24.65
N VAL B 133 -10.34 -12.64 -24.32
CA VAL B 133 -10.96 -13.84 -24.87
C VAL B 133 -11.31 -14.87 -23.79
N SER B 134 -12.36 -15.64 -24.02
CA SER B 134 -12.68 -16.78 -23.17
C SER B 134 -12.04 -18.05 -23.77
N ALA B 135 -11.67 -19.02 -22.94
CA ALA B 135 -11.14 -20.25 -23.49
C ALA B 135 -11.50 -21.48 -22.68
N ARG B 136 -11.71 -22.60 -23.36
CA ARG B 136 -11.68 -23.89 -22.68
C ARG B 136 -10.77 -24.90 -23.36
N MET B 137 -10.22 -25.81 -22.56
CA MET B 137 -9.46 -26.92 -23.11
C MET B 137 -10.43 -28.03 -23.50
N LEU B 138 -10.42 -28.39 -24.78
CA LEU B 138 -11.09 -29.60 -25.23
C LEU B 138 -10.01 -30.66 -25.41
N GLY B 139 -9.46 -31.15 -24.30
CA GLY B 139 -8.37 -32.09 -24.35
C GLY B 139 -6.97 -31.46 -24.36
N ASP B 140 -6.34 -31.43 -25.54
CA ASP B 140 -4.99 -30.89 -25.70
C ASP B 140 -5.01 -29.71 -26.64
N VAL B 141 -6.22 -29.27 -26.93
CA VAL B 141 -6.39 -28.13 -27.82
C VAL B 141 -7.35 -27.10 -27.19
N MET B 142 -7.28 -25.86 -27.66
CA MET B 142 -7.95 -24.73 -27.01
C MET B 142 -9.11 -24.24 -27.86
N ALA B 143 -10.20 -23.85 -27.21
CA ALA B 143 -11.36 -23.35 -27.94
C ALA B 143 -11.65 -21.87 -27.59
N ILE B 144 -11.43 -20.98 -28.55
CA ILE B 144 -11.44 -19.52 -28.32
C ILE B 144 -12.75 -18.81 -28.67
N SER B 145 -13.27 -18.00 -27.74
CA SER B 145 -14.39 -17.10 -27.99
C SER B 145 -14.07 -15.67 -27.53
N ARG B 146 -14.21 -14.71 -28.44
CA ARG B 146 -13.95 -13.29 -28.17
C ARG B 146 -14.83 -12.73 -27.06
N CYS B 147 -14.31 -11.83 -26.23
CA CYS B 147 -15.16 -11.24 -25.20
C CYS B 147 -15.75 -9.89 -25.66
N VAL B 148 -16.81 -9.44 -24.99
CA VAL B 148 -17.54 -8.24 -25.40
C VAL B 148 -17.62 -7.21 -24.28
N GLU B 149 -17.22 -5.97 -24.58
CA GLU B 149 -17.30 -4.83 -23.63
C GLU B 149 -18.70 -4.56 -23.14
N VAL B 150 -18.80 -4.10 -21.91
CA VAL B 150 -20.10 -3.74 -21.36
C VAL B 150 -20.06 -2.25 -21.13
N ARG B 151 -20.72 -1.52 -22.03
CA ARG B 151 -20.71 -0.06 -22.03
C ARG B 151 -21.52 0.47 -20.86
N GLY B 152 -22.50 -0.33 -20.41
CA GLY B 152 -23.45 0.13 -19.42
C GLY B 152 -22.86 0.55 -18.09
N GLY B 153 -23.76 0.95 -17.20
CA GLY B 153 -23.44 1.04 -15.80
C GLY B 153 -23.55 -0.35 -15.20
N VAL B 154 -22.58 -0.69 -14.37
CA VAL B 154 -22.61 -1.96 -13.66
C VAL B 154 -22.97 -1.63 -12.22
N TYR B 155 -23.71 -2.49 -11.56
CA TYR B 155 -24.14 -2.20 -10.19
C TYR B 155 -23.94 -3.38 -9.29
N VAL B 156 -23.23 -3.14 -8.19
CA VAL B 156 -22.94 -4.19 -7.24
C VAL B 156 -24.10 -4.25 -6.25
N GLN B 157 -24.29 -5.41 -5.66
CA GLN B 157 -25.42 -5.67 -4.77
C GLN B 157 -24.98 -5.96 -3.36
N ASN B 158 -25.62 -5.27 -2.41
CA ASN B 158 -25.25 -5.34 -1.00
C ASN B 158 -24.92 -6.71 -0.39
N SER B 159 -25.91 -7.60 -0.32
CA SER B 159 -25.64 -8.91 0.24
C SER B 159 -24.81 -9.77 -0.70
N MET B 160 -24.17 -10.79 -0.14
CA MET B 160 -23.50 -11.82 -0.90
C MET B 160 -23.89 -13.17 -0.31
N ARG B 161 -24.97 -13.15 0.46
CA ARG B 161 -25.57 -14.36 1.01
C ARG B 161 -26.63 -14.89 0.04
N VAL B 162 -26.73 -16.21 -0.06
CA VAL B 162 -27.72 -16.84 -0.93
C VAL B 162 -29.10 -16.85 -0.27
N PRO B 163 -30.05 -16.09 -0.82
CA PRO B 163 -31.35 -15.89 -0.14
C PRO B 163 -32.12 -17.17 0.20
N GLY B 164 -31.76 -18.30 -0.38
CA GLY B 164 -32.46 -19.54 -0.09
C GLY B 164 -31.80 -20.46 0.93
N GLU B 165 -30.55 -20.18 1.29
CA GLU B 165 -29.80 -21.05 2.17
C GLU B 165 -28.97 -20.25 3.16
N ARG B 166 -28.79 -20.78 4.36
CA ARG B 166 -27.88 -20.17 5.32
C ARG B 166 -26.62 -21.00 5.34
N GLY B 167 -25.51 -20.41 5.77
CA GLY B 167 -24.25 -21.14 5.73
C GLY B 167 -23.73 -21.33 4.32
N THR B 168 -24.39 -20.69 3.35
CA THR B 168 -23.85 -20.56 2.01
C THR B 168 -23.98 -19.13 1.50
N CYS B 169 -22.92 -18.66 0.85
CA CYS B 169 -22.85 -17.31 0.31
C CYS B 169 -22.14 -17.34 -1.03
N TYR B 170 -22.33 -16.28 -1.82
CA TYR B 170 -21.60 -16.15 -3.08
C TYR B 170 -20.15 -15.81 -2.74
N SER B 171 -19.20 -16.44 -3.42
CA SER B 171 -17.80 -16.18 -3.18
C SER B 171 -17.38 -14.83 -3.77
N ARG B 172 -18.16 -14.33 -4.71
CA ARG B 172 -17.89 -13.04 -5.33
C ARG B 172 -19.18 -12.22 -5.42
N PRO B 173 -19.06 -10.89 -5.48
CA PRO B 173 -20.23 -9.97 -5.42
C PRO B 173 -21.26 -10.19 -6.51
N LEU B 174 -22.52 -9.88 -6.22
CA LEU B 174 -23.51 -9.96 -7.28
C LEU B 174 -23.59 -8.63 -7.98
N VAL B 175 -23.84 -8.67 -9.27
CA VAL B 175 -24.09 -7.45 -9.98
C VAL B 175 -25.34 -7.57 -10.84
N THR B 176 -25.83 -6.41 -11.27
CA THR B 176 -26.75 -6.35 -12.40
C THR B 176 -26.08 -5.46 -13.46
N PHE B 177 -26.23 -5.84 -14.73
CA PHE B 177 -25.66 -5.06 -15.82
C PHE B 177 -26.47 -5.26 -17.10
N GLU B 178 -26.27 -4.38 -18.08
CA GLU B 178 -27.17 -4.28 -19.22
C GLU B 178 -26.44 -4.50 -20.55
N ILE B 185 -29.59 -7.72 -16.89
CA ILE B 185 -29.32 -9.10 -16.48
C ILE B 185 -28.72 -9.24 -15.06
N GLU B 186 -28.96 -10.39 -14.43
CA GLU B 186 -28.61 -10.65 -13.04
C GLU B 186 -27.47 -11.67 -12.93
N GLY B 187 -26.25 -11.17 -12.84
CA GLY B 187 -25.08 -12.01 -12.71
C GLY B 187 -24.20 -11.63 -11.53
N GLN B 188 -22.90 -11.84 -11.68
CA GLN B 188 -21.96 -11.68 -10.58
C GLN B 188 -20.53 -11.40 -11.06
N LEU B 189 -19.72 -10.76 -10.22
CA LEU B 189 -18.39 -10.31 -10.60
C LEU B 189 -17.36 -11.44 -10.68
N GLY B 190 -16.72 -11.58 -11.82
CA GLY B 190 -15.70 -12.60 -11.98
C GLY B 190 -14.33 -11.97 -11.82
N ASP B 191 -13.29 -12.75 -12.11
CA ASP B 191 -11.91 -12.29 -12.11
C ASP B 191 -11.75 -11.14 -13.09
N ASP B 192 -10.86 -10.19 -12.79
CA ASP B 192 -10.49 -9.11 -13.71
C ASP B 192 -11.64 -8.43 -14.49
N ASN B 193 -12.66 -7.98 -13.78
CA ASN B 193 -13.74 -7.23 -14.42
C ASN B 193 -14.52 -7.98 -15.48
N GLU B 194 -14.45 -9.30 -15.46
CA GLU B 194 -15.37 -10.06 -16.26
C GLU B 194 -16.69 -10.10 -15.51
N LEU B 195 -17.78 -9.96 -16.28
CA LEU B 195 -19.13 -10.11 -15.75
C LEU B 195 -19.71 -11.43 -16.23
N LEU B 196 -20.27 -12.18 -15.29
CA LEU B 196 -20.87 -13.47 -15.59
C LEU B 196 -22.40 -13.33 -15.62
N ILE B 197 -23.11 -14.32 -16.16
CA ILE B 197 -24.57 -14.31 -16.10
C ILE B 197 -25.01 -15.30 -15.06
N SER B 198 -24.13 -16.26 -14.80
CA SER B 198 -24.34 -17.33 -13.85
C SER B 198 -23.91 -16.89 -12.43
N ARG B 199 -24.89 -16.58 -11.59
CA ARG B 199 -24.63 -16.42 -10.16
C ARG B 199 -24.43 -17.76 -9.48
N ASP B 200 -23.38 -18.49 -9.81
CA ASP B 200 -23.17 -19.76 -9.13
C ASP B 200 -21.76 -20.02 -8.60
N LEU B 201 -21.08 -18.96 -8.18
CA LEU B 201 -19.82 -19.11 -7.44
C LEU B 201 -20.12 -18.93 -5.96
N ILE B 202 -20.10 -20.04 -5.23
CA ILE B 202 -20.62 -20.11 -3.86
C ILE B 202 -19.59 -20.76 -2.97
N GLU B 203 -19.60 -20.38 -1.70
CA GLU B 203 -18.73 -20.99 -0.71
C GLU B 203 -19.54 -21.09 0.58
N PRO B 204 -19.15 -22.01 1.48
CA PRO B 204 -19.68 -21.99 2.85
C PRO B 204 -19.32 -20.69 3.56
N CYS B 205 -20.22 -20.12 4.36
CA CYS B 205 -19.96 -18.82 4.99
C CYS B 205 -18.85 -18.87 6.05
N THR B 206 -18.31 -17.71 6.40
CA THR B 206 -17.12 -17.61 7.26
C THR B 206 -17.24 -16.45 8.26
N GLY B 207 -16.41 -16.46 9.30
CA GLY B 207 -16.31 -15.33 10.19
C GLY B 207 -15.13 -14.50 9.74
N ASN B 208 -15.08 -13.23 10.16
CA ASN B 208 -14.02 -12.32 9.76
C ASN B 208 -13.86 -12.32 8.23
N HIS B 209 -14.97 -12.54 7.54
CA HIS B 209 -14.98 -12.57 6.09
C HIS B 209 -14.73 -11.16 5.55
N ARG B 210 -13.55 -10.96 4.98
CA ARG B 210 -13.18 -9.66 4.46
C ARG B 210 -12.66 -9.88 3.06
N ARG B 211 -13.22 -9.17 2.09
CA ARG B 211 -12.77 -9.34 0.71
C ARG B 211 -12.74 -7.99 0.01
N TYR B 212 -11.76 -7.80 -0.86
CA TYR B 212 -11.69 -6.64 -1.73
C TYR B 212 -11.87 -7.21 -3.12
N PHE B 213 -12.73 -6.59 -3.91
CA PHE B 213 -12.98 -7.11 -5.24
C PHE B 213 -12.75 -6.00 -6.24
N LYS B 214 -11.92 -6.28 -7.21
CA LYS B 214 -11.67 -5.39 -8.32
C LYS B 214 -13.00 -5.13 -9.05
N LEU B 215 -13.35 -3.86 -9.20
CA LEU B 215 -14.63 -3.44 -9.79
C LEU B 215 -14.31 -2.22 -10.61
N GLY B 216 -14.29 -2.39 -11.93
CA GLY B 216 -13.88 -1.34 -12.85
C GLY B 216 -12.50 -0.82 -12.50
N GLY B 217 -12.41 0.50 -12.30
CA GLY B 217 -11.14 1.14 -12.02
C GLY B 217 -10.68 0.93 -10.60
N GLY B 218 -11.64 0.69 -9.70
CA GLY B 218 -11.33 0.59 -8.28
C GLY B 218 -11.57 -0.76 -7.64
N TYR B 219 -11.82 -0.75 -6.35
CA TYR B 219 -12.10 -1.94 -5.61
C TYR B 219 -13.27 -1.69 -4.71
N VAL B 220 -13.96 -2.75 -4.37
CA VAL B 220 -15.11 -2.63 -3.53
C VAL B 220 -14.84 -3.62 -2.40
N TYR B 221 -15.15 -3.21 -1.18
CA TYR B 221 -14.81 -3.99 0.00
C TYR B 221 -16.07 -4.58 0.62
N TYR B 222 -15.96 -5.80 1.12
CA TYR B 222 -17.08 -6.48 1.73
C TYR B 222 -16.63 -7.04 3.07
N GLU B 223 -17.53 -7.01 4.05
CA GLU B 223 -17.25 -7.57 5.37
C GLU B 223 -18.50 -8.34 5.73
N ASP B 224 -18.34 -9.54 6.27
CA ASP B 224 -19.45 -10.43 6.59
C ASP B 224 -20.48 -10.45 5.46
N TYR B 225 -19.95 -10.57 4.24
CA TYR B 225 -20.76 -10.68 3.03
C TYR B 225 -21.81 -9.56 2.86
N SER B 226 -21.71 -8.51 3.66
CA SER B 226 -22.49 -7.32 3.42
C SER B 226 -21.59 -6.21 2.90
N TYR B 227 -22.04 -5.55 1.83
CA TYR B 227 -21.32 -4.45 1.23
C TYR B 227 -20.90 -3.42 2.30
N VAL B 228 -19.79 -2.70 2.06
CA VAL B 228 -19.32 -1.65 2.98
C VAL B 228 -19.00 -0.34 2.26
N ARG B 229 -17.96 -0.36 1.43
CA ARG B 229 -17.56 0.83 0.71
C ARG B 229 -16.76 0.49 -0.54
N MET B 230 -16.66 1.43 -1.47
CA MET B 230 -15.66 1.38 -2.52
C MET B 230 -14.31 1.80 -1.91
N VAL B 231 -13.22 1.07 -2.16
CA VAL B 231 -11.91 1.51 -1.67
C VAL B 231 -10.86 1.63 -2.73
N GLU B 232 -9.89 2.50 -2.48
CA GLU B 232 -8.70 2.56 -3.30
C GLU B 232 -7.69 1.66 -2.60
N VAL B 233 -6.80 1.05 -3.37
CA VAL B 233 -5.74 0.25 -2.77
C VAL B 233 -4.45 0.67 -3.46
N PRO B 234 -3.78 1.66 -2.88
CA PRO B 234 -2.67 2.30 -3.58
C PRO B 234 -1.39 1.48 -3.45
N GLU B 235 -1.26 0.75 -2.35
CA GLU B 235 -0.03 0.00 -2.11
C GLU B 235 0.16 -1.10 -3.19
N THR B 236 1.37 -1.17 -3.74
CA THR B 236 1.64 -1.90 -4.96
C THR B 236 2.94 -2.66 -4.84
N ILE B 237 2.91 -3.89 -5.33
CA ILE B 237 4.05 -4.76 -5.29
C ILE B 237 4.30 -5.15 -6.73
N SER B 238 5.56 -5.33 -7.13
CA SER B 238 5.85 -5.62 -8.53
C SER B 238 6.89 -6.70 -8.78
N THR B 239 6.65 -7.48 -9.83
CA THR B 239 7.55 -8.56 -10.22
C THR B 239 8.27 -8.23 -11.52
N ARG B 240 8.22 -6.97 -11.93
CA ARG B 240 8.95 -6.54 -13.11
C ARG B 240 10.43 -6.47 -12.81
N VAL B 241 11.23 -6.61 -13.85
CA VAL B 241 12.66 -6.37 -13.78
C VAL B 241 12.88 -5.08 -14.55
N THR B 242 13.47 -4.11 -13.86
CA THR B 242 13.71 -2.79 -14.43
C THR B 242 14.96 -2.82 -15.32
N LEU B 243 14.86 -2.31 -16.54
CA LEU B 243 16.02 -2.20 -17.42
C LEU B 243 16.28 -0.75 -17.85
N ASP C 61 20.46 -21.23 4.33
CA ASP C 61 19.97 -19.88 4.63
C ASP C 61 19.42 -19.83 6.06
N ARG C 62 18.73 -18.74 6.39
CA ARG C 62 18.30 -18.51 7.77
C ARG C 62 16.85 -18.92 7.96
N PHE C 63 16.46 -19.09 9.21
CA PHE C 63 15.10 -19.46 9.56
C PHE C 63 14.14 -18.29 9.70
N TYR C 64 12.85 -18.59 9.71
CA TYR C 64 11.84 -17.55 9.65
C TYR C 64 10.50 -17.97 10.25
N VAL C 65 9.89 -17.09 11.05
CA VAL C 65 8.50 -17.27 11.47
C VAL C 65 7.71 -16.26 10.66
N CYS C 66 6.41 -16.45 10.56
CA CYS C 66 5.61 -15.63 9.67
C CYS C 66 4.31 -15.28 10.35
N PRO C 67 4.18 -14.02 10.78
CA PRO C 67 2.93 -13.77 11.49
C PRO C 67 1.78 -13.78 10.52
N PRO C 68 0.59 -14.17 10.98
CA PRO C 68 -0.59 -14.17 10.12
C PRO C 68 -0.87 -12.76 9.65
N PRO C 69 -1.04 -12.56 8.34
CA PRO C 69 -1.38 -11.22 7.83
C PRO C 69 -2.79 -10.81 8.16
N SER C 70 -2.96 -9.86 9.07
CA SER C 70 -4.22 -9.14 9.20
C SER C 70 -4.26 -8.22 8.00
N GLY C 71 -5.44 -7.75 7.64
CA GLY C 71 -5.56 -6.94 6.44
C GLY C 71 -4.97 -5.55 6.60
N SER C 72 -4.24 -5.32 7.67
CA SER C 72 -3.57 -4.05 7.92
C SER C 72 -2.82 -3.55 6.70
N THR C 73 -1.99 -4.39 6.10
CA THR C 73 -1.44 -4.02 4.79
C THR C 73 -1.96 -4.86 3.63
N VAL C 74 -2.57 -4.21 2.66
CA VAL C 74 -3.27 -4.90 1.58
C VAL C 74 -2.72 -4.33 0.27
N VAL C 75 -2.22 -5.20 -0.59
CA VAL C 75 -1.55 -4.73 -1.81
C VAL C 75 -2.11 -5.35 -3.09
N ARG C 76 -1.74 -4.78 -4.22
CA ARG C 76 -2.09 -5.38 -5.49
C ARG C 76 -0.86 -5.52 -6.33
N LEU C 77 -0.88 -6.48 -7.25
CA LEU C 77 0.27 -6.75 -8.10
C LEU C 77 0.28 -5.67 -9.16
N GLU C 78 1.39 -4.94 -9.24
CA GLU C 78 1.49 -3.79 -10.14
C GLU C 78 1.16 -4.20 -11.58
N PRO C 79 0.22 -3.47 -12.21
CA PRO C 79 -0.29 -3.62 -13.57
C PRO C 79 0.77 -3.54 -14.65
N GLU C 80 0.36 -3.88 -15.87
CA GLU C 80 1.21 -3.75 -17.04
C GLU C 80 1.38 -2.31 -17.48
N GLN C 81 2.45 -2.05 -18.23
CA GLN C 81 2.74 -0.67 -18.63
C GLN C 81 2.89 -0.47 -20.14
N ALA C 82 2.35 0.66 -20.63
CA ALA C 82 2.48 1.03 -22.04
C ALA C 82 3.95 1.03 -22.46
N CYS C 83 4.20 0.47 -23.64
CA CYS C 83 5.56 0.19 -24.12
C CYS C 83 6.02 1.17 -25.21
N PRO C 84 7.21 1.75 -24.99
CA PRO C 84 7.82 2.76 -25.88
C PRO C 84 8.22 2.22 -27.26
N ASP C 93 18.67 1.74 -32.97
CA ASP C 93 17.66 0.93 -33.64
C ASP C 93 17.73 -0.51 -33.15
N MET C 94 18.94 -1.01 -32.91
CA MET C 94 19.12 -2.38 -32.40
C MET C 94 18.95 -2.47 -30.88
N LEU C 95 19.36 -1.42 -30.17
CA LEU C 95 19.19 -1.35 -28.71
C LEU C 95 17.74 -1.07 -28.33
N SER C 96 17.01 -0.41 -29.23
CA SER C 96 15.61 -0.10 -29.03
C SER C 96 14.76 -1.37 -29.20
N ARG C 97 15.09 -2.16 -30.21
CA ARG C 97 14.40 -3.42 -30.48
C ARG C 97 14.39 -4.31 -29.25
N ILE C 98 15.39 -4.11 -28.37
CA ILE C 98 15.51 -4.84 -27.13
C ILE C 98 14.56 -4.32 -26.04
N ALA C 99 14.79 -3.10 -25.57
CA ALA C 99 14.00 -2.50 -24.50
C ALA C 99 12.50 -2.57 -24.77
N ALA C 100 12.13 -2.53 -26.04
CA ALA C 100 10.75 -2.77 -26.46
C ALA C 100 10.35 -4.20 -26.08
N ALA C 101 11.02 -5.18 -26.65
CA ALA C 101 10.72 -6.58 -26.38
C ALA C 101 10.86 -6.91 -24.88
N TRP C 102 11.79 -6.23 -24.21
CA TRP C 102 12.00 -6.45 -22.78
C TRP C 102 10.77 -6.01 -22.04
N CYS C 103 10.21 -4.91 -22.48
CA CYS C 103 8.97 -4.41 -21.90
C CYS C 103 7.77 -5.29 -22.25
N GLU C 104 7.67 -5.74 -23.50
CA GLU C 104 6.61 -6.66 -23.86
C GLU C 104 6.75 -7.98 -23.07
N LEU C 105 7.99 -8.36 -22.75
CA LEU C 105 8.26 -9.60 -22.02
C LEU C 105 7.78 -9.54 -20.57
N GLN C 106 8.03 -8.41 -19.92
CA GLN C 106 7.54 -8.23 -18.56
C GLN C 106 6.02 -8.19 -18.60
N ASN C 107 5.48 -7.52 -19.59
CA ASN C 107 4.04 -7.40 -19.74
C ASN C 107 3.37 -8.75 -19.82
N LYS C 108 3.78 -9.55 -20.81
CA LYS C 108 3.38 -10.95 -20.91
C LYS C 108 3.56 -11.68 -19.58
N ASP C 109 4.79 -11.67 -19.05
CA ASP C 109 5.11 -12.33 -17.79
C ASP C 109 4.09 -12.11 -16.66
N ARG C 110 3.46 -10.94 -16.63
CA ARG C 110 2.57 -10.62 -15.52
C ARG C 110 1.37 -11.56 -15.37
N THR C 111 0.99 -12.22 -16.47
CA THR C 111 -0.10 -13.18 -16.41
C THR C 111 0.31 -14.42 -15.60
N LEU C 112 1.58 -14.79 -15.70
CA LEU C 112 2.11 -15.88 -14.90
C LEU C 112 2.10 -15.54 -13.43
N TRP C 113 2.48 -14.31 -13.10
CA TRP C 113 2.52 -13.91 -11.70
C TRP C 113 1.12 -13.71 -11.16
N GLY C 114 0.22 -13.21 -12.02
CA GLY C 114 -1.18 -13.15 -11.66
C GLY C 114 -1.71 -14.51 -11.24
N GLU C 115 -1.37 -15.54 -12.01
CA GLU C 115 -1.77 -16.88 -11.66
C GLU C 115 -1.18 -17.38 -10.35
N MET C 116 0.15 -17.33 -10.22
CA MET C 116 0.79 -17.88 -9.03
C MET C 116 0.26 -17.23 -7.77
N SER C 117 0.09 -15.92 -7.84
CA SER C 117 -0.40 -15.15 -6.71
C SER C 117 -1.70 -15.73 -6.16
N ARG C 118 -2.33 -16.61 -6.92
CA ARG C 118 -3.58 -17.25 -6.51
C ARG C 118 -3.35 -18.49 -5.64
N LEU C 119 -2.25 -19.22 -5.85
CA LEU C 119 -1.98 -20.42 -5.06
C LEU C 119 -0.93 -20.12 -4.00
N ASN C 120 0.15 -19.49 -4.43
CA ASN C 120 1.21 -19.16 -3.49
C ASN C 120 1.53 -17.66 -3.44
N PRO C 121 0.63 -16.86 -2.87
CA PRO C 121 0.87 -15.39 -2.83
C PRO C 121 2.10 -15.00 -1.95
N SER C 122 2.31 -15.73 -0.87
CA SER C 122 3.53 -15.61 -0.08
C SER C 122 4.76 -15.59 -0.95
N ALA C 123 4.94 -16.60 -1.80
CA ALA C 123 6.14 -16.66 -2.63
C ALA C 123 6.19 -15.56 -3.70
N VAL C 124 5.04 -15.10 -4.15
CA VAL C 124 4.98 -14.04 -5.14
C VAL C 124 5.43 -12.76 -4.50
N ALA C 125 4.94 -12.55 -3.29
CA ALA C 125 5.27 -11.35 -2.53
C ALA C 125 6.74 -11.33 -2.15
N THR C 126 7.28 -12.43 -1.62
CA THR C 126 8.68 -12.34 -1.22
C THR C 126 9.63 -12.11 -2.39
N ALA C 127 9.23 -12.51 -3.60
CA ALA C 127 10.09 -12.37 -4.77
C ALA C 127 10.06 -10.92 -5.19
N ALA C 128 8.85 -10.37 -5.20
CA ALA C 128 8.60 -8.96 -5.49
C ALA C 128 9.46 -8.00 -4.63
N LEU C 129 9.36 -8.18 -3.32
CA LEU C 129 9.90 -7.22 -2.37
C LEU C 129 11.37 -7.40 -2.12
N GLY C 130 11.86 -8.61 -2.31
CA GLY C 130 13.24 -8.91 -1.98
C GLY C 130 13.43 -9.22 -0.51
N GLN C 131 12.33 -9.38 0.23
CA GLN C 131 12.33 -9.84 1.62
C GLN C 131 11.28 -10.94 1.88
N ARG C 132 11.53 -11.76 2.89
CA ARG C 132 10.62 -12.84 3.23
C ARG C 132 9.34 -12.32 3.85
N VAL C 133 8.27 -12.27 3.08
CA VAL C 133 6.98 -11.88 3.64
C VAL C 133 6.01 -13.03 3.47
N SER C 134 4.92 -13.03 4.23
CA SER C 134 3.91 -14.05 4.02
C SER C 134 2.60 -13.36 3.66
N ALA C 135 1.91 -13.89 2.65
CA ALA C 135 0.71 -13.25 2.13
C ALA C 135 -0.48 -14.19 2.14
N ARG C 136 -1.67 -13.61 2.11
CA ARG C 136 -2.88 -14.38 1.88
C ARG C 136 -3.89 -13.51 1.09
N MET C 137 -4.65 -14.12 0.17
CA MET C 137 -5.62 -13.33 -0.61
C MET C 137 -6.84 -12.91 0.22
N LEU C 138 -7.35 -11.72 -0.04
CA LEU C 138 -8.58 -11.27 0.58
C LEU C 138 -9.48 -10.79 -0.55
N GLY C 139 -9.84 -11.69 -1.44
CA GLY C 139 -10.50 -11.30 -2.68
C GLY C 139 -9.45 -11.20 -3.77
N ASP C 140 -9.34 -10.04 -4.40
CA ASP C 140 -8.40 -9.82 -5.51
C ASP C 140 -7.21 -8.96 -5.10
N VAL C 141 -6.93 -8.96 -3.81
CA VAL C 141 -5.87 -8.14 -3.22
C VAL C 141 -5.08 -8.95 -2.17
N MET C 142 -3.81 -8.61 -1.96
CA MET C 142 -2.94 -9.40 -1.06
C MET C 142 -2.63 -8.77 0.30
N ALA C 143 -3.10 -9.41 1.37
CA ALA C 143 -2.64 -9.08 2.71
C ALA C 143 -1.19 -9.54 2.91
N ILE C 144 -0.34 -8.61 3.32
CA ILE C 144 1.11 -8.80 3.44
C ILE C 144 1.49 -8.74 4.90
N SER C 145 2.42 -9.57 5.33
CA SER C 145 2.99 -9.41 6.67
C SER C 145 4.44 -9.88 6.63
N ARG C 146 5.35 -9.01 7.11
CA ARG C 146 6.80 -9.26 7.02
C ARG C 146 7.22 -10.36 7.99
N CYS C 147 8.01 -11.32 7.51
CA CYS C 147 8.47 -12.44 8.34
C CYS C 147 9.67 -12.05 9.20
N VAL C 148 9.85 -12.74 10.32
CA VAL C 148 10.91 -12.43 11.27
C VAL C 148 11.93 -13.57 11.40
N GLU C 149 13.22 -13.23 11.49
CA GLU C 149 14.28 -14.19 11.76
C GLU C 149 14.12 -14.90 13.08
N VAL C 150 14.37 -16.20 13.09
CA VAL C 150 14.41 -16.98 14.32
C VAL C 150 15.88 -17.21 14.54
N ARG C 151 16.33 -17.17 15.78
CA ARG C 151 17.77 -17.10 16.00
C ARG C 151 18.33 -18.14 16.95
N GLY C 152 17.52 -18.66 17.85
CA GLY C 152 18.02 -19.69 18.74
C GLY C 152 18.23 -21.02 18.02
N GLY C 153 18.45 -22.05 18.82
CA GLY C 153 18.69 -23.34 18.24
C GLY C 153 17.33 -23.97 18.03
N VAL C 154 17.34 -25.21 17.53
CA VAL C 154 16.14 -25.89 17.09
C VAL C 154 16.23 -27.36 17.44
N TYR C 155 15.15 -27.94 17.94
CA TYR C 155 15.09 -29.40 18.13
C TYR C 155 14.19 -30.03 17.08
N VAL C 156 14.74 -31.01 16.38
CA VAL C 156 14.04 -31.71 15.32
C VAL C 156 13.50 -33.03 15.86
N GLN C 157 12.20 -33.28 15.74
CA GLN C 157 11.67 -34.58 16.17
C GLN C 157 12.07 -35.71 15.23
N ASN C 158 12.31 -36.87 15.82
CA ASN C 158 12.66 -38.03 15.03
C ASN C 158 11.49 -38.61 14.26
N SER C 159 10.28 -38.50 14.79
CA SER C 159 9.17 -39.26 14.22
C SER C 159 8.04 -38.42 13.62
N MET C 160 7.89 -38.54 12.29
CA MET C 160 6.85 -37.83 11.56
C MET C 160 5.49 -38.53 11.67
N ARG C 161 5.45 -39.61 12.44
CA ARG C 161 4.18 -40.28 12.72
C ARG C 161 3.37 -39.44 13.68
N VAL C 162 2.08 -39.33 13.45
CA VAL C 162 1.23 -38.57 14.35
C VAL C 162 0.85 -39.47 15.52
N PRO C 163 0.94 -38.94 16.76
CA PRO C 163 0.60 -39.64 18.00
C PRO C 163 -0.85 -40.14 18.11
N GLY C 164 -1.80 -39.30 17.70
CA GLY C 164 -3.22 -39.62 17.85
C GLY C 164 -3.76 -40.83 17.10
N GLU C 165 -3.71 -40.79 15.77
CA GLU C 165 -4.33 -41.84 14.95
C GLU C 165 -3.30 -42.61 14.12
N ARG C 166 -3.43 -43.93 14.07
CA ARG C 166 -2.64 -44.79 13.18
C ARG C 166 -2.89 -44.37 11.73
N GLY C 167 -1.89 -44.55 10.88
CA GLY C 167 -2.05 -44.28 9.45
C GLY C 167 -1.98 -42.83 9.03
N THR C 168 -2.25 -41.92 9.97
CA THR C 168 -2.10 -40.48 9.74
C THR C 168 -0.68 -39.98 10.10
N CYS C 169 -0.13 -39.11 9.27
CA CYS C 169 1.23 -38.65 9.48
C CYS C 169 1.47 -37.19 9.10
N TYR C 170 2.47 -36.57 9.74
CA TYR C 170 2.95 -35.27 9.30
C TYR C 170 3.67 -35.42 7.95
N SER C 171 3.49 -34.46 7.06
CA SER C 171 4.19 -34.53 5.77
C SER C 171 5.46 -33.67 5.73
N ARG C 172 5.68 -32.88 6.79
CA ARG C 172 6.95 -32.18 7.04
C ARG C 172 7.32 -32.38 8.51
N PRO C 173 8.62 -32.38 8.83
CA PRO C 173 9.17 -32.68 10.18
C PRO C 173 8.69 -31.75 11.27
N LEU C 174 8.54 -32.26 12.49
CA LEU C 174 8.22 -31.39 13.62
C LEU C 174 9.46 -30.67 14.21
N VAL C 175 9.33 -29.38 14.48
CA VAL C 175 10.40 -28.69 15.18
C VAL C 175 9.92 -27.96 16.42
N THR C 176 10.83 -27.78 17.37
CA THR C 176 10.64 -26.84 18.49
C THR C 176 11.75 -25.81 18.43
N PHE C 177 11.35 -24.56 18.57
CA PHE C 177 12.30 -23.46 18.47
C PHE C 177 11.77 -22.36 19.37
N GLU C 178 12.59 -21.35 19.63
CA GLU C 178 12.21 -20.27 20.55
C GLU C 178 12.26 -18.90 19.87
N HIS C 179 11.24 -18.10 20.14
CA HIS C 179 11.13 -16.78 19.55
C HIS C 179 11.29 -15.67 20.59
N ASN C 180 11.34 -14.43 20.13
CA ASN C 180 11.57 -13.32 21.04
C ASN C 180 10.24 -12.72 21.49
N GLY C 181 9.30 -12.60 20.56
CA GLY C 181 7.93 -12.21 20.86
C GLY C 181 7.23 -13.17 21.81
N THR C 182 6.96 -14.40 21.33
CA THR C 182 6.44 -15.48 22.19
C THR C 182 7.57 -16.45 22.55
N GLY C 183 7.29 -17.37 23.48
CA GLY C 183 8.31 -18.22 24.05
C GLY C 183 8.73 -19.39 23.20
N VAL C 184 8.58 -20.60 23.75
CA VAL C 184 8.91 -21.81 23.00
C VAL C 184 7.69 -22.28 22.23
N ILE C 185 7.86 -22.46 20.94
CA ILE C 185 6.74 -22.88 20.13
C ILE C 185 6.97 -24.27 19.54
N GLU C 186 5.97 -25.14 19.73
CA GLU C 186 6.02 -26.50 19.21
C GLU C 186 5.54 -26.46 17.79
N GLY C 187 6.47 -26.36 16.85
CA GLY C 187 6.08 -26.12 15.46
C GLY C 187 6.42 -27.19 14.44
N GLN C 188 6.70 -26.72 13.22
CA GLN C 188 6.82 -27.59 12.07
C GLN C 188 7.62 -26.93 10.94
N LEU C 189 8.57 -27.67 10.39
CA LEU C 189 9.36 -27.23 9.23
C LEU C 189 8.46 -27.01 8.00
N GLY C 190 8.66 -25.90 7.29
CA GLY C 190 7.82 -25.51 6.16
C GLY C 190 8.72 -25.22 4.99
N ASP C 191 8.22 -24.57 3.94
CA ASP C 191 9.04 -24.40 2.73
C ASP C 191 10.14 -23.35 2.87
N ASP C 192 11.21 -23.54 2.12
CA ASP C 192 12.32 -22.57 2.06
C ASP C 192 12.78 -22.03 3.45
N ASN C 193 12.77 -22.93 4.42
CA ASN C 193 13.21 -22.66 5.79
C ASN C 193 12.26 -21.87 6.67
N GLU C 194 10.98 -21.81 6.31
CA GLU C 194 10.04 -21.15 7.20
C GLU C 194 9.73 -22.09 8.37
N LEU C 195 9.59 -21.56 9.58
CA LEU C 195 9.12 -22.38 10.70
C LEU C 195 7.68 -21.98 11.04
N LEU C 196 6.75 -22.96 11.05
CA LEU C 196 5.34 -22.69 11.32
C LEU C 196 5.02 -23.02 12.77
N ILE C 197 4.08 -22.33 13.38
CA ILE C 197 3.76 -22.59 14.77
C ILE C 197 2.75 -23.70 14.86
N SER C 198 2.10 -23.93 13.73
CA SER C 198 1.09 -24.94 13.62
C SER C 198 1.82 -26.26 13.44
N ARG C 199 1.13 -27.35 13.77
CA ARG C 199 1.63 -28.67 13.46
C ARG C 199 0.54 -29.43 12.71
N ASP C 200 0.05 -28.84 11.63
CA ASP C 200 -1.03 -29.50 10.90
C ASP C 200 -0.83 -29.48 9.38
N LEU C 201 0.26 -30.11 8.94
CA LEU C 201 0.45 -30.55 7.58
C LEU C 201 0.49 -32.06 7.67
N ILE C 202 -0.64 -32.67 7.32
CA ILE C 202 -0.90 -34.07 7.64
C ILE C 202 -1.31 -34.89 6.40
N GLU C 203 -0.52 -35.90 6.04
CA GLU C 203 -0.87 -36.81 4.95
C GLU C 203 -1.22 -38.19 5.53
N PRO C 204 -1.66 -39.15 4.69
CA PRO C 204 -1.79 -40.51 5.24
C PRO C 204 -0.45 -41.22 5.10
N CYS C 205 -0.24 -42.27 5.88
CA CYS C 205 1.01 -43.01 5.80
C CYS C 205 1.20 -43.84 4.52
N THR C 206 2.42 -44.33 4.35
CA THR C 206 2.81 -45.02 3.13
C THR C 206 3.92 -45.97 3.53
N GLY C 207 4.14 -47.01 2.74
CA GLY C 207 5.36 -47.78 2.82
C GLY C 207 6.34 -47.12 1.85
N ASN C 208 7.51 -47.73 1.66
CA ASN C 208 8.50 -47.22 0.71
C ASN C 208 8.68 -45.70 0.85
N HIS C 209 8.67 -45.21 2.09
CA HIS C 209 8.58 -43.77 2.32
C HIS C 209 9.94 -43.10 2.37
N ARG C 210 10.23 -42.23 1.42
CA ARG C 210 11.48 -41.48 1.44
C ARG C 210 11.21 -39.99 1.23
N ARG C 211 11.70 -39.16 2.16
CA ARG C 211 11.53 -37.73 2.02
C ARG C 211 12.85 -36.98 2.26
N TYR C 212 12.99 -35.82 1.64
CA TYR C 212 14.13 -34.98 1.94
C TYR C 212 13.62 -33.56 2.18
N PHE C 213 13.83 -33.05 3.39
CA PHE C 213 13.34 -31.72 3.70
C PHE C 213 14.49 -30.74 3.75
N LYS C 214 14.24 -29.53 3.28
CA LYS C 214 15.23 -28.48 3.39
C LYS C 214 15.26 -27.95 4.83
N LEU C 215 16.47 -27.91 5.40
CA LEU C 215 16.66 -27.57 6.81
C LEU C 215 18.00 -26.87 6.95
N GLY C 216 17.98 -25.56 7.17
CA GLY C 216 19.21 -24.82 7.17
C GLY C 216 19.85 -24.84 5.80
N GLY C 217 21.16 -25.11 5.74
CA GLY C 217 21.87 -25.10 4.48
C GLY C 217 22.05 -26.51 3.98
N GLY C 218 21.37 -27.46 4.62
CA GLY C 218 21.43 -28.84 4.20
C GLY C 218 20.04 -29.40 4.07
N TYR C 219 19.95 -30.71 4.00
CA TYR C 219 18.66 -31.37 3.91
C TYR C 219 18.67 -32.48 4.92
N VAL C 220 17.53 -32.70 5.56
CA VAL C 220 17.42 -33.78 6.53
C VAL C 220 16.63 -34.93 5.91
N TYR C 221 17.10 -36.17 6.09
CA TYR C 221 16.54 -37.33 5.42
C TYR C 221 15.67 -38.22 6.32
N TYR C 222 14.46 -38.54 5.86
CA TYR C 222 13.53 -39.38 6.60
C TYR C 222 13.09 -40.62 5.82
N GLU C 223 13.11 -41.78 6.49
CA GLU C 223 12.62 -43.01 5.92
C GLU C 223 11.53 -43.60 6.79
N ASP C 224 10.42 -43.94 6.17
CA ASP C 224 9.28 -44.54 6.87
C ASP C 224 8.94 -43.69 8.09
N TYR C 225 8.87 -42.38 7.87
CA TYR C 225 8.39 -41.41 8.88
C TYR C 225 9.26 -41.25 10.15
N SER C 226 10.57 -41.47 10.01
CA SER C 226 11.47 -41.26 11.13
C SER C 226 12.86 -40.87 10.68
N TYR C 227 13.43 -39.90 11.37
CA TYR C 227 14.76 -39.34 11.09
C TYR C 227 15.85 -40.38 10.76
N VAL C 228 16.74 -40.04 9.83
CA VAL C 228 17.87 -40.90 9.46
C VAL C 228 19.20 -40.18 9.61
N ARG C 229 19.58 -39.37 8.61
CA ARG C 229 20.84 -38.62 8.70
C ARG C 229 20.73 -37.21 8.11
N MET C 230 21.80 -36.43 8.23
CA MET C 230 21.84 -35.11 7.65
C MET C 230 22.53 -35.19 6.31
N VAL C 231 21.75 -35.25 5.24
CA VAL C 231 22.34 -35.33 3.92
C VAL C 231 22.69 -33.93 3.38
N GLU C 232 23.57 -33.94 2.40
CA GLU C 232 23.81 -32.79 1.55
C GLU C 232 23.42 -33.28 0.15
N VAL C 233 22.79 -32.42 -0.65
CA VAL C 233 22.48 -32.73 -2.04
C VAL C 233 23.30 -31.83 -2.96
N PRO C 234 24.50 -32.30 -3.37
CA PRO C 234 25.37 -31.47 -4.21
C PRO C 234 24.78 -31.33 -5.62
N GLU C 235 23.94 -32.29 -6.00
CA GLU C 235 23.40 -32.38 -7.35
C GLU C 235 22.33 -31.32 -7.65
N THR C 236 22.57 -30.55 -8.71
CA THR C 236 21.72 -29.41 -9.04
C THR C 236 21.19 -29.46 -10.47
N ILE C 237 19.93 -29.12 -10.64
CA ILE C 237 19.31 -29.02 -11.95
C ILE C 237 18.87 -27.57 -12.15
N SER C 238 18.89 -27.07 -13.39
CA SER C 238 18.61 -25.62 -13.59
C SER C 238 17.79 -25.22 -14.83
N THR C 239 16.87 -24.28 -14.61
CA THR C 239 16.08 -23.68 -15.69
C THR C 239 16.64 -22.34 -16.17
N ARG C 240 17.63 -21.82 -15.43
CA ARG C 240 18.37 -20.61 -15.81
C ARG C 240 18.90 -20.61 -17.23
N VAL C 241 18.81 -19.46 -17.89
CA VAL C 241 19.48 -19.29 -19.17
C VAL C 241 20.67 -18.35 -19.02
N THR C 242 21.86 -18.89 -19.22
CA THR C 242 23.09 -18.13 -19.07
C THR C 242 23.16 -17.08 -20.17
N LEU C 243 23.61 -15.89 -19.81
CA LEU C 243 23.93 -14.87 -20.78
C LEU C 243 25.28 -14.28 -20.42
N ASN C 244 26.25 -14.45 -21.30
CA ASN C 244 27.60 -13.95 -21.04
C ASN C 244 28.00 -12.77 -21.92
N LEU C 245 28.49 -11.69 -21.29
CA LEU C 245 28.85 -10.48 -22.02
C LEU C 245 30.24 -9.95 -21.65
N ASP D 61 -7.59 46.15 12.28
CA ASP D 61 -8.82 45.71 12.91
C ASP D 61 -8.96 46.15 14.37
N ARG D 62 -10.11 45.83 14.97
CA ARG D 62 -10.42 46.24 16.34
C ARG D 62 -9.57 45.54 17.43
N PHE D 63 -9.56 46.10 18.65
CA PHE D 63 -8.82 45.58 19.81
C PHE D 63 -9.76 44.83 20.72
N TYR D 64 -9.27 43.76 21.34
CA TYR D 64 -10.14 42.94 22.19
C TYR D 64 -9.42 42.45 23.44
N VAL D 65 -10.16 42.34 24.52
CA VAL D 65 -9.65 41.62 25.68
C VAL D 65 -10.40 40.28 25.81
N CYS D 66 -9.68 39.25 26.22
CA CYS D 66 -10.26 37.91 26.21
C CYS D 66 -10.31 37.31 27.60
N PRO D 67 -11.52 37.32 28.19
CA PRO D 67 -11.79 36.76 29.51
C PRO D 67 -11.55 35.28 29.45
N PRO D 68 -10.69 34.75 30.33
CA PRO D 68 -10.38 33.31 30.34
C PRO D 68 -11.69 32.55 30.52
N PRO D 69 -11.94 31.56 29.65
CA PRO D 69 -13.23 30.85 29.77
C PRO D 69 -13.23 29.86 30.95
N SER D 70 -14.33 29.80 31.69
CA SER D 70 -14.59 28.68 32.61
C SER D 70 -15.37 27.58 31.87
N GLY D 71 -15.42 26.38 32.45
CA GLY D 71 -16.06 25.24 31.81
C GLY D 71 -17.59 25.13 31.85
N SER D 72 -18.28 26.24 32.13
CA SER D 72 -19.74 26.25 32.02
C SER D 72 -20.21 25.94 30.59
N THR D 73 -19.90 26.83 29.65
CA THR D 73 -20.21 26.59 28.25
C THR D 73 -19.06 25.79 27.59
N VAL D 74 -19.31 24.51 27.36
CA VAL D 74 -18.37 23.61 26.68
C VAL D 74 -18.96 23.10 25.35
N VAL D 75 -18.14 23.02 24.31
CA VAL D 75 -18.63 22.74 22.95
C VAL D 75 -17.66 21.84 22.17
N ARG D 76 -18.03 21.49 20.94
CA ARG D 76 -17.15 20.66 20.10
C ARG D 76 -17.30 20.97 18.61
N LEU D 77 -16.32 20.56 17.81
CA LEU D 77 -16.38 20.78 16.39
C LEU D 77 -17.43 19.88 15.71
N GLU D 78 -18.24 20.48 14.85
CA GLU D 78 -19.21 19.70 14.08
C GLU D 78 -18.44 18.62 13.31
N PRO D 79 -19.00 17.41 13.27
CA PRO D 79 -18.36 16.31 12.55
C PRO D 79 -18.68 16.42 11.09
N GLU D 80 -17.99 15.61 10.29
CA GLU D 80 -18.31 15.50 8.88
C GLU D 80 -19.75 15.03 8.65
N GLN D 81 -20.31 15.38 7.51
CA GLN D 81 -21.70 15.05 7.29
C GLN D 81 -22.02 14.38 5.98
N ALA D 82 -23.24 13.82 5.94
CA ALA D 82 -23.75 13.05 4.81
C ALA D 82 -23.72 13.83 3.51
N CYS D 83 -23.09 13.27 2.50
CA CYS D 83 -23.08 13.91 1.19
C CYS D 83 -24.21 13.45 0.27
N PRO D 84 -24.90 14.43 -0.38
CA PRO D 84 -26.03 14.19 -1.30
C PRO D 84 -25.73 13.09 -2.32
N ASP D 93 -28.05 18.54 -13.47
CA ASP D 93 -27.05 17.48 -13.56
C ASP D 93 -25.67 18.03 -13.23
N MET D 94 -25.37 19.21 -13.77
CA MET D 94 -24.09 19.86 -13.58
C MET D 94 -24.00 20.51 -12.21
N LEU D 95 -24.98 21.37 -11.93
CA LEU D 95 -25.05 22.10 -10.67
C LEU D 95 -25.19 21.16 -9.47
N SER D 96 -25.52 19.90 -9.74
CA SER D 96 -25.70 18.91 -8.68
C SER D 96 -24.37 18.26 -8.30
N ARG D 97 -23.49 18.07 -9.28
CA ARG D 97 -22.15 17.54 -9.04
C ARG D 97 -21.40 18.48 -8.09
N ILE D 98 -21.37 19.77 -8.43
CA ILE D 98 -20.86 20.82 -7.58
C ILE D 98 -21.38 20.70 -6.15
N ALA D 99 -22.69 20.52 -6.00
CA ALA D 99 -23.29 20.39 -4.68
C ALA D 99 -22.64 19.25 -3.90
N ALA D 100 -22.22 18.22 -4.63
CA ALA D 100 -21.61 17.05 -4.01
C ALA D 100 -20.16 17.35 -3.68
N ALA D 101 -19.47 17.92 -4.66
CA ALA D 101 -18.06 18.24 -4.53
C ALA D 101 -17.80 19.25 -3.42
N TRP D 102 -18.76 20.11 -3.14
CA TRP D 102 -18.64 21.07 -2.06
C TRP D 102 -18.75 20.35 -0.71
N CYS D 103 -19.74 19.49 -0.60
CA CYS D 103 -19.93 18.75 0.64
C CYS D 103 -18.72 17.85 0.95
N GLU D 104 -18.09 17.30 -0.08
CA GLU D 104 -16.94 16.42 0.12
C GLU D 104 -15.78 17.25 0.60
N LEU D 105 -15.58 18.38 -0.05
CA LEU D 105 -14.58 19.36 0.37
C LEU D 105 -14.78 19.75 1.82
N GLN D 106 -15.99 20.15 2.17
CA GLN D 106 -16.22 20.58 3.55
C GLN D 106 -15.91 19.47 4.55
N ASN D 107 -16.14 18.22 4.16
CA ASN D 107 -15.82 17.09 5.02
C ASN D 107 -14.31 16.87 5.18
N LYS D 108 -13.58 16.90 4.06
CA LYS D 108 -12.12 16.73 4.07
C LYS D 108 -11.39 17.87 4.79
N ASP D 109 -11.81 19.11 4.55
CA ASP D 109 -11.22 20.25 5.24
C ASP D 109 -11.44 20.14 6.75
N ARG D 110 -12.52 19.46 7.17
CA ARG D 110 -12.82 19.39 8.59
C ARG D 110 -11.71 18.71 9.39
N THR D 111 -10.93 17.92 8.67
CA THR D 111 -9.79 17.26 9.26
C THR D 111 -8.70 18.31 9.57
N LEU D 112 -8.46 19.22 8.63
CA LEU D 112 -7.60 20.39 8.89
C LEU D 112 -8.02 21.19 10.12
N TRP D 113 -9.21 21.75 10.09
CA TRP D 113 -9.80 22.45 11.23
C TRP D 113 -9.64 21.72 12.55
N GLY D 114 -9.81 20.41 12.50
CA GLY D 114 -9.76 19.58 13.68
C GLY D 114 -8.35 19.54 14.23
N GLU D 115 -7.35 19.50 13.36
CA GLU D 115 -5.99 19.54 13.84
C GLU D 115 -5.68 20.93 14.39
N MET D 116 -6.21 21.97 13.76
CA MET D 116 -5.84 23.30 14.17
C MET D 116 -6.33 23.66 15.56
N SER D 117 -7.46 23.07 15.95
CA SER D 117 -8.08 23.41 17.22
C SER D 117 -7.36 22.93 18.48
N ARG D 118 -6.23 22.23 18.36
CA ARG D 118 -5.55 21.77 19.57
C ARG D 118 -4.54 22.81 19.88
N LEU D 119 -3.96 23.29 18.81
CA LEU D 119 -2.87 24.23 18.88
C LEU D 119 -3.44 25.63 19.03
N ASN D 120 -4.59 25.86 18.40
CA ASN D 120 -5.20 27.18 18.35
C ASN D 120 -6.70 27.09 18.46
N PRO D 121 -7.22 26.58 19.58
CA PRO D 121 -8.68 26.57 19.67
C PRO D 121 -9.33 27.96 19.52
N SER D 122 -8.75 28.98 20.11
CA SER D 122 -9.31 30.32 20.00
C SER D 122 -9.54 30.72 18.55
N ALA D 123 -8.48 30.71 17.75
CA ALA D 123 -8.62 31.08 16.34
C ALA D 123 -9.73 30.29 15.67
N VAL D 124 -9.71 28.96 15.82
CA VAL D 124 -10.71 28.09 15.20
C VAL D 124 -12.11 28.45 15.61
N ALA D 125 -12.33 28.56 16.91
CA ALA D 125 -13.61 29.03 17.43
C ALA D 125 -14.04 30.36 16.85
N THR D 126 -13.16 31.38 16.82
CA THR D 126 -13.61 32.64 16.22
C THR D 126 -13.92 32.59 14.71
N ALA D 127 -13.28 31.70 13.97
CA ALA D 127 -13.62 31.55 12.56
C ALA D 127 -14.98 30.90 12.37
N ALA D 128 -15.35 30.05 13.32
CA ALA D 128 -16.59 29.30 13.23
C ALA D 128 -17.82 30.09 13.70
N LEU D 129 -17.60 31.00 14.66
CA LEU D 129 -18.67 31.84 15.18
C LEU D 129 -18.81 33.16 14.42
N GLY D 130 -17.81 33.51 13.62
CA GLY D 130 -17.77 34.84 13.06
C GLY D 130 -17.78 35.94 14.12
N GLN D 131 -17.17 35.65 15.26
CA GLN D 131 -17.09 36.59 16.38
C GLN D 131 -15.92 36.24 17.28
N ARG D 132 -14.99 37.18 17.45
CA ARG D 132 -13.81 36.98 18.27
C ARG D 132 -14.13 36.36 19.63
N VAL D 133 -13.54 35.19 19.90
CA VAL D 133 -13.73 34.51 21.15
C VAL D 133 -12.41 33.97 21.58
N SER D 134 -12.36 33.45 22.77
CA SER D 134 -11.15 32.84 23.31
C SER D 134 -11.52 31.43 23.74
N ALA D 135 -10.60 30.48 23.64
CA ALA D 135 -10.94 29.12 23.97
C ALA D 135 -9.75 28.36 24.54
N ARG D 136 -9.98 27.48 25.51
CA ARG D 136 -9.01 26.43 25.80
C ARG D 136 -9.64 25.02 25.69
N MET D 137 -8.86 24.06 25.21
CA MET D 137 -9.32 22.68 25.16
C MET D 137 -9.27 22.09 26.57
N LEU D 138 -10.38 21.46 26.96
CA LEU D 138 -10.34 20.61 28.14
C LEU D 138 -10.47 19.18 27.61
N GLY D 139 -9.34 18.51 27.42
CA GLY D 139 -9.37 17.21 26.80
C GLY D 139 -9.72 17.32 25.33
N ASP D 140 -10.96 16.96 24.97
CA ASP D 140 -11.34 16.77 23.57
C ASP D 140 -12.48 17.67 23.27
N VAL D 141 -12.86 18.38 24.32
CA VAL D 141 -13.92 19.33 24.27
C VAL D 141 -13.38 20.77 24.47
N MET D 142 -14.07 21.73 23.88
CA MET D 142 -13.58 23.10 23.78
C MET D 142 -14.39 24.06 24.67
N ALA D 143 -13.71 24.73 25.61
CA ALA D 143 -14.35 25.76 26.47
C ALA D 143 -14.27 27.18 25.86
N ILE D 144 -15.41 27.86 25.65
CA ILE D 144 -15.46 29.19 24.98
C ILE D 144 -15.94 30.39 25.85
N SER D 145 -15.29 31.55 25.69
CA SER D 145 -15.80 32.83 26.23
C SER D 145 -15.73 33.93 25.15
N ARG D 146 -16.73 34.80 25.09
CA ARG D 146 -16.74 35.85 24.07
C ARG D 146 -15.78 36.99 24.43
N CYS D 147 -15.13 37.57 23.43
CA CYS D 147 -14.11 38.58 23.67
C CYS D 147 -14.70 39.99 23.71
N VAL D 148 -14.16 40.84 24.58
CA VAL D 148 -14.68 42.21 24.75
C VAL D 148 -13.86 43.28 23.98
N GLU D 149 -14.56 44.04 23.13
CA GLU D 149 -13.94 45.16 22.43
C GLU D 149 -13.36 46.21 23.43
N VAL D 150 -12.21 46.77 23.09
CA VAL D 150 -11.60 47.84 23.85
C VAL D 150 -11.60 49.00 22.89
N ARG D 151 -12.37 50.05 23.14
CA ARG D 151 -12.38 51.16 22.20
C ARG D 151 -11.69 52.34 22.74
N GLY D 152 -11.43 52.31 24.02
CA GLY D 152 -10.74 53.38 24.66
C GLY D 152 -9.38 53.52 24.06
N GLY D 153 -8.54 54.28 24.72
CA GLY D 153 -7.22 54.50 24.23
C GLY D 153 -6.29 53.41 24.58
N VAL D 154 -5.35 53.25 23.70
CA VAL D 154 -4.27 52.24 23.78
C VAL D 154 -2.83 52.76 23.52
N TYR D 155 -1.94 52.69 24.52
CA TYR D 155 -0.64 53.38 24.39
C TYR D 155 0.57 52.44 24.43
N VAL D 156 1.35 52.38 23.35
CA VAL D 156 2.49 51.46 23.28
C VAL D 156 3.73 51.94 24.01
N GLN D 157 4.22 51.10 24.93
CA GLN D 157 5.45 51.39 25.66
C GLN D 157 6.71 51.34 24.79
N ASN D 158 7.82 51.71 25.40
CA ASN D 158 9.04 52.03 24.68
C ASN D 158 10.04 50.88 24.70
N SER D 159 10.26 50.33 25.88
CA SER D 159 11.23 49.26 26.05
C SER D 159 10.52 47.91 26.15
N MET D 160 11.10 46.91 25.49
CA MET D 160 10.66 45.53 25.67
C MET D 160 11.65 44.76 26.53
N ARG D 161 12.18 45.43 27.56
CA ARG D 161 13.05 44.77 28.51
C ARG D 161 12.26 44.58 29.79
N VAL D 162 12.53 43.50 30.51
CA VAL D 162 11.85 43.26 31.77
C VAL D 162 12.64 43.95 32.89
N PRO D 163 11.97 44.80 33.67
CA PRO D 163 12.62 45.54 34.76
C PRO D 163 13.05 44.63 35.90
N GLY D 164 13.58 43.45 35.57
CA GLY D 164 14.12 42.54 36.55
C GLY D 164 15.60 42.40 36.32
N GLU D 165 15.96 41.90 35.14
CA GLU D 165 17.36 41.66 34.78
C GLU D 165 17.44 41.40 33.30
N ARG D 166 18.63 41.54 32.74
CA ARG D 166 18.89 41.14 31.36
C ARG D 166 19.27 39.67 31.42
N GLY D 167 19.49 39.00 30.29
CA GLY D 167 19.07 39.45 28.97
C GLY D 167 17.71 38.84 28.74
N THR D 168 16.82 39.07 29.70
CA THR D 168 15.44 38.65 29.57
C THR D 168 14.62 39.80 28.97
N CYS D 169 13.67 39.47 28.11
CA CYS D 169 12.89 40.49 27.43
C CYS D 169 11.47 40.02 27.13
N TYR D 170 10.62 40.98 26.79
CA TYR D 170 9.30 40.66 26.33
C TYR D 170 9.41 40.21 24.87
N SER D 171 8.59 39.24 24.46
CA SER D 171 8.63 38.77 23.09
C SER D 171 7.69 39.62 22.24
N ARG D 172 6.74 40.28 22.90
CA ARG D 172 5.83 41.19 22.23
C ARG D 172 5.76 42.47 23.05
N PRO D 173 5.34 43.59 22.44
CA PRO D 173 5.45 44.91 23.10
C PRO D 173 4.58 45.07 24.34
N LEU D 174 4.96 45.99 25.23
CA LEU D 174 4.10 46.35 26.36
C LEU D 174 3.14 47.44 25.92
N VAL D 175 1.92 47.42 26.48
CA VAL D 175 0.91 48.46 26.26
C VAL D 175 0.23 48.79 27.57
N THR D 176 -0.40 49.95 27.62
CA THR D 176 -1.28 50.29 28.73
C THR D 176 -2.60 50.73 28.11
N PHE D 177 -3.70 50.34 28.73
CA PHE D 177 -5.03 50.70 28.25
C PHE D 177 -5.93 50.55 29.45
N GLU D 178 -7.22 50.79 29.28
CA GLU D 178 -8.15 50.73 30.42
C GLU D 178 -9.43 49.94 30.17
N HIS D 179 -10.05 49.54 31.29
CA HIS D 179 -11.34 48.85 31.30
C HIS D 179 -12.40 49.57 30.46
N GLY D 183 -9.63 53.52 34.98
CA GLY D 183 -8.48 52.66 35.23
C GLY D 183 -7.39 52.77 34.17
N VAL D 184 -6.38 51.90 34.29
CA VAL D 184 -5.28 51.79 33.32
C VAL D 184 -4.56 50.49 33.64
N ILE D 185 -4.51 49.60 32.66
CA ILE D 185 -3.98 48.26 32.86
C ILE D 185 -2.59 48.20 32.26
N GLU D 186 -1.66 47.54 32.96
CA GLU D 186 -0.32 47.41 32.40
C GLU D 186 -0.20 46.06 31.69
N GLY D 187 -0.87 45.95 30.54
CA GLY D 187 -0.92 44.72 29.78
C GLY D 187 0.16 44.59 28.72
N GLN D 188 -0.15 43.82 27.68
CA GLN D 188 0.82 43.46 26.64
C GLN D 188 0.07 43.18 25.37
N LEU D 189 0.73 43.40 24.23
CA LEU D 189 0.09 43.26 22.93
C LEU D 189 0.13 41.81 22.40
N GLY D 190 -1.03 41.14 22.42
CA GLY D 190 -1.10 39.77 21.96
C GLY D 190 -1.21 39.68 20.45
N ASP D 191 -1.47 38.48 19.93
CA ASP D 191 -1.58 38.27 18.49
C ASP D 191 -2.92 38.81 17.99
N ASP D 192 -2.90 39.36 16.78
CA ASP D 192 -4.11 39.87 16.14
C ASP D 192 -4.95 40.79 17.01
N ASN D 193 -4.32 41.88 17.48
CA ASN D 193 -4.98 42.94 18.25
C ASN D 193 -5.70 42.51 19.51
N GLU D 194 -5.40 41.32 20.02
CA GLU D 194 -5.79 40.98 21.37
C GLU D 194 -4.88 41.78 22.32
N LEU D 195 -5.53 42.50 23.23
CA LEU D 195 -4.85 43.18 24.29
C LEU D 195 -4.86 42.26 25.49
N LEU D 196 -3.68 41.85 25.93
CA LEU D 196 -3.52 41.00 27.10
C LEU D 196 -3.47 41.83 28.37
N ILE D 197 -4.03 41.29 29.47
CA ILE D 197 -4.10 41.91 30.79
C ILE D 197 -2.83 41.69 31.63
N SER D 198 -1.96 40.80 31.18
CA SER D 198 -0.79 40.44 31.96
C SER D 198 0.41 40.78 31.15
N ARG D 199 1.60 40.42 31.63
CA ARG D 199 2.82 40.60 30.86
C ARG D 199 3.70 39.38 31.03
N ASP D 200 3.44 38.34 30.25
CA ASP D 200 4.12 37.08 30.49
C ASP D 200 4.86 36.49 29.29
N LEU D 201 4.59 37.01 28.10
CA LEU D 201 5.41 36.63 26.95
C LEU D 201 6.83 37.19 27.15
N ILE D 202 7.79 36.26 27.26
CA ILE D 202 9.16 36.53 27.70
C ILE D 202 10.16 35.69 26.89
N GLU D 203 11.39 36.15 26.71
CA GLU D 203 12.39 35.39 25.95
C GLU D 203 13.85 35.78 26.30
N PRO D 204 14.82 34.98 25.84
CA PRO D 204 16.21 35.43 26.06
C PRO D 204 16.57 36.45 24.97
N CYS D 205 17.46 37.40 25.26
CA CYS D 205 17.72 38.50 24.33
C CYS D 205 18.70 38.22 23.18
N THR D 206 18.48 38.89 22.05
CA THR D 206 19.28 38.68 20.84
C THR D 206 19.80 40.02 20.31
N GLY D 207 20.95 39.98 19.62
CA GLY D 207 21.36 41.11 18.81
C GLY D 207 20.66 40.97 17.48
N ASN D 208 20.77 41.97 16.60
CA ASN D 208 20.15 41.91 15.27
C ASN D 208 18.66 41.54 15.40
N HIS D 209 18.04 42.10 16.43
CA HIS D 209 16.67 41.79 16.79
C HIS D 209 15.75 42.84 16.22
N ARG D 210 14.98 42.45 15.24
CA ARG D 210 14.02 43.35 14.67
C ARG D 210 12.67 42.64 14.62
N ARG D 211 11.65 43.24 15.20
CA ARG D 211 10.30 42.70 15.08
C ARG D 211 9.33 43.80 14.65
N TYR D 212 8.28 43.42 13.96
CA TYR D 212 7.19 44.32 13.63
C TYR D 212 5.99 43.71 14.30
N PHE D 213 5.21 44.50 15.00
CA PHE D 213 4.03 43.92 15.62
C PHE D 213 2.82 44.64 15.10
N LYS D 214 1.66 44.01 15.22
CA LYS D 214 0.43 44.52 14.64
C LYS D 214 -0.27 45.37 15.68
N LEU D 215 -0.76 46.53 15.27
CA LEU D 215 -1.38 47.45 16.22
C LEU D 215 -2.50 48.19 15.54
N GLY D 216 -3.73 47.81 15.83
CA GLY D 216 -4.85 48.39 15.11
C GLY D 216 -4.63 48.16 13.62
N GLY D 217 -4.77 49.21 12.83
CA GLY D 217 -4.64 49.09 11.40
C GLY D 217 -3.24 49.38 10.87
N GLY D 218 -2.24 49.27 11.73
CA GLY D 218 -0.87 49.62 11.37
C GLY D 218 0.13 48.70 12.06
N TYR D 219 1.42 48.94 11.84
CA TYR D 219 2.44 48.15 12.53
C TYR D 219 3.43 49.00 13.32
N VAL D 220 3.83 48.47 14.45
CA VAL D 220 4.77 49.14 15.31
C VAL D 220 6.08 48.35 15.31
N TYR D 221 7.19 49.01 14.95
CA TYR D 221 8.45 48.32 14.71
C TYR D 221 9.46 48.57 15.84
N TYR D 222 10.15 47.51 16.26
CA TYR D 222 11.17 47.58 17.32
C TYR D 222 12.55 47.11 16.82
N GLU D 223 13.59 47.47 17.57
CA GLU D 223 14.98 47.10 17.29
C GLU D 223 15.67 47.06 18.64
N ASP D 224 16.56 46.08 18.83
CA ASP D 224 17.25 45.89 20.12
C ASP D 224 16.35 46.28 21.30
N TYR D 225 15.10 45.82 21.19
CA TYR D 225 14.10 45.85 22.24
C TYR D 225 13.63 47.24 22.66
N SER D 226 13.79 48.22 21.77
CA SER D 226 13.14 49.52 22.00
C SER D 226 12.42 50.06 20.76
N TYR D 227 11.27 50.65 21.00
CA TYR D 227 10.43 51.28 19.98
C TYR D 227 11.20 52.17 19.02
N VAL D 228 10.92 52.03 17.73
CA VAL D 228 11.62 52.79 16.71
C VAL D 228 10.64 53.54 15.83
N ARG D 229 9.48 52.95 15.59
CA ARG D 229 8.63 53.44 14.51
C ARG D 229 7.25 52.79 14.50
N MET D 230 6.26 53.52 14.00
CA MET D 230 5.02 52.94 13.52
C MET D 230 5.21 52.89 12.01
N VAL D 231 4.93 51.73 11.41
CA VAL D 231 5.06 51.56 9.95
C VAL D 231 3.80 51.00 9.30
N GLU D 232 3.58 51.37 8.06
CA GLU D 232 2.55 50.77 7.22
C GLU D 232 3.24 49.64 6.45
N VAL D 233 2.61 48.47 6.35
CA VAL D 233 3.12 47.44 5.42
C VAL D 233 2.12 47.24 4.29
N PRO D 234 2.29 48.00 3.21
CA PRO D 234 1.38 47.95 2.07
C PRO D 234 1.56 46.66 1.29
N GLU D 235 2.72 46.03 1.47
CA GLU D 235 3.10 44.88 0.65
C GLU D 235 2.36 43.62 1.08
N THR D 236 1.31 43.28 0.34
CA THR D 236 0.42 42.16 0.63
C THR D 236 0.91 40.85 -0.02
N ILE D 237 0.44 39.70 0.48
CA ILE D 237 0.75 38.38 -0.11
C ILE D 237 -0.49 37.51 0.05
N SER D 238 -0.83 36.71 -0.96
CA SER D 238 -2.14 36.00 -0.90
C SER D 238 -2.22 34.53 -1.31
N THR D 239 -2.97 33.76 -0.51
CA THR D 239 -3.35 32.39 -0.86
C THR D 239 -4.83 32.26 -1.21
N ARG D 240 -5.48 33.41 -1.41
CA ARG D 240 -6.86 33.44 -1.89
C ARG D 240 -6.91 32.98 -3.34
N VAL D 241 -8.08 32.53 -3.77
CA VAL D 241 -8.29 32.10 -5.15
C VAL D 241 -9.51 32.84 -5.70
N THR D 242 -9.33 33.43 -6.88
CA THR D 242 -10.31 34.36 -7.44
C THR D 242 -11.40 33.65 -8.22
N LEU D 243 -12.65 34.03 -7.99
CA LEU D 243 -13.74 33.50 -8.81
C LEU D 243 -14.65 34.59 -9.36
N ASN D 244 -14.21 35.24 -10.45
CA ASN D 244 -14.95 36.33 -11.08
C ASN D 244 -16.17 35.84 -11.86
N LEU D 245 -17.36 36.19 -11.39
CA LEU D 245 -18.60 35.88 -12.09
C LEU D 245 -19.43 37.15 -12.36
N ASP E 61 11.78 17.45 -10.16
CA ASP E 61 11.69 18.90 -10.13
C ASP E 61 13.03 19.56 -9.76
N ARG E 62 13.18 20.84 -10.07
CA ARG E 62 14.47 21.51 -9.96
C ARG E 62 14.98 21.65 -8.52
N PHE E 63 16.30 21.74 -8.33
CA PHE E 63 16.85 21.95 -6.99
C PHE E 63 16.97 23.43 -6.69
N TYR E 64 16.99 23.81 -5.41
CA TYR E 64 17.10 25.23 -5.03
C TYR E 64 17.94 25.47 -3.81
N VAL E 65 18.83 26.46 -3.86
CA VAL E 65 19.41 27.04 -2.63
C VAL E 65 18.56 28.20 -2.17
N CYS E 66 18.39 28.34 -0.86
CA CYS E 66 17.66 29.49 -0.33
C CYS E 66 18.49 30.38 0.58
N PRO E 67 18.91 31.53 0.05
CA PRO E 67 19.67 32.51 0.85
C PRO E 67 18.72 33.13 1.86
N PRO E 68 19.22 33.43 3.07
CA PRO E 68 18.42 34.09 4.09
C PRO E 68 17.81 35.39 3.57
N PRO E 69 16.53 35.62 3.90
CA PRO E 69 15.99 36.94 3.56
C PRO E 69 16.45 37.93 4.62
N SER E 70 16.61 39.19 4.24
CA SER E 70 16.74 40.23 5.26
C SER E 70 15.54 41.15 5.27
N GLY E 71 15.49 42.04 6.25
CA GLY E 71 14.35 42.93 6.42
C GLY E 71 14.04 43.85 5.25
N SER E 72 14.92 43.92 4.27
CA SER E 72 14.73 44.82 3.13
C SER E 72 13.44 44.50 2.35
N THR E 73 12.98 43.26 2.45
CA THR E 73 11.69 42.92 1.86
C THR E 73 10.79 42.40 2.97
N VAL E 74 9.81 43.21 3.38
CA VAL E 74 8.81 42.80 4.37
C VAL E 74 7.38 42.83 3.78
N VAL E 75 6.58 41.79 4.03
CA VAL E 75 5.21 41.72 3.53
C VAL E 75 4.29 41.06 4.55
N ARG E 76 2.98 41.08 4.28
CA ARG E 76 2.01 40.44 5.15
C ARG E 76 0.98 39.65 4.32
N LEU E 77 0.16 38.86 5.01
CA LEU E 77 -0.80 37.98 4.36
C LEU E 77 -2.12 38.71 4.13
N GLU E 78 -2.55 38.82 2.88
CA GLU E 78 -3.80 39.51 2.56
C GLU E 78 -4.94 39.01 3.43
N PRO E 79 -5.55 39.91 4.22
CA PRO E 79 -6.63 39.55 5.14
C PRO E 79 -7.90 39.13 4.41
N GLU E 80 -8.93 38.79 5.18
CA GLU E 80 -10.20 38.42 4.60
C GLU E 80 -10.82 39.58 3.86
N GLN E 81 -11.99 39.35 3.28
CA GLN E 81 -12.52 40.32 2.35
C GLN E 81 -14.01 40.54 2.41
N ALA E 82 -14.45 41.57 1.70
CA ALA E 82 -15.87 41.89 1.59
C ALA E 82 -16.56 40.77 0.82
N CYS E 83 -17.52 40.12 1.47
CA CYS E 83 -18.37 39.20 0.74
C CYS E 83 -19.64 39.90 0.26
N PRO E 84 -19.72 40.15 -1.07
CA PRO E 84 -20.80 40.79 -1.84
C PRO E 84 -22.16 40.80 -1.14
N ASN E 92 -27.95 34.31 -12.74
CA ASN E 92 -27.57 35.25 -11.69
C ASN E 92 -27.74 34.68 -10.29
N ASP E 93 -28.90 34.11 -10.00
CA ASP E 93 -29.26 33.65 -8.66
C ASP E 93 -28.37 32.52 -8.11
N MET E 94 -28.17 31.48 -8.92
CA MET E 94 -27.30 30.37 -8.51
C MET E 94 -25.82 30.77 -8.52
N LEU E 95 -25.37 31.43 -9.58
CA LEU E 95 -23.96 31.86 -9.68
C LEU E 95 -23.58 32.92 -8.64
N SER E 96 -24.57 33.51 -7.99
CA SER E 96 -24.30 34.41 -6.86
C SER E 96 -24.10 33.58 -5.60
N ARG E 97 -24.97 32.60 -5.41
CA ARG E 97 -24.91 31.72 -4.23
C ARG E 97 -23.58 30.97 -4.15
N ILE E 98 -23.07 30.56 -5.30
CA ILE E 98 -21.76 29.94 -5.37
C ILE E 98 -20.70 30.94 -4.94
N ALA E 99 -20.63 32.05 -5.67
CA ALA E 99 -19.65 33.11 -5.40
C ALA E 99 -19.74 33.61 -3.96
N ALA E 100 -20.97 33.62 -3.43
CA ALA E 100 -21.19 33.97 -2.03
C ALA E 100 -20.45 33.00 -1.12
N ALA E 101 -20.74 31.71 -1.31
CA ALA E 101 -20.13 30.64 -0.54
C ALA E 101 -18.62 30.62 -0.72
N TRP E 102 -18.18 30.85 -1.95
CA TRP E 102 -16.77 30.79 -2.30
C TRP E 102 -15.96 31.83 -1.54
N CYS E 103 -16.45 33.06 -1.52
CA CYS E 103 -15.76 34.12 -0.81
C CYS E 103 -15.75 33.84 0.70
N GLU E 104 -16.76 33.14 1.18
CA GLU E 104 -16.83 32.83 2.61
C GLU E 104 -15.80 31.78 3.01
N LEU E 105 -15.69 30.73 2.18
CA LEU E 105 -14.71 29.68 2.39
C LEU E 105 -13.29 30.25 2.38
N GLN E 106 -12.99 31.07 1.37
CA GLN E 106 -11.68 31.71 1.25
C GLN E 106 -11.37 32.53 2.48
N ASN E 107 -12.39 33.18 3.04
CA ASN E 107 -12.14 33.89 4.30
C ASN E 107 -11.82 32.92 5.42
N LYS E 108 -12.58 31.84 5.52
CA LYS E 108 -12.31 30.78 6.51
C LYS E 108 -10.92 30.12 6.38
N ASP E 109 -10.49 29.81 5.18
CA ASP E 109 -9.21 29.13 5.00
C ASP E 109 -8.07 30.05 5.39
N ARG E 110 -8.33 31.34 5.32
CA ARG E 110 -7.29 32.31 5.59
C ARG E 110 -6.84 32.15 7.02
N THR E 111 -7.77 31.80 7.90
CA THR E 111 -7.40 31.42 9.24
C THR E 111 -6.36 30.29 9.23
N LEU E 112 -6.56 29.28 8.39
CA LEU E 112 -5.65 28.14 8.37
C LEU E 112 -4.28 28.62 7.90
N TRP E 113 -4.26 29.45 6.87
CA TRP E 113 -3.00 30.00 6.37
C TRP E 113 -2.29 30.89 7.39
N GLY E 114 -3.08 31.54 8.24
CA GLY E 114 -2.55 32.26 9.38
C GLY E 114 -1.66 31.35 10.20
N GLU E 115 -2.25 30.30 10.78
CA GLU E 115 -1.49 29.34 11.58
C GLU E 115 -0.27 28.80 10.87
N MET E 116 -0.33 28.66 9.57
CA MET E 116 0.81 28.04 8.90
C MET E 116 1.94 29.02 8.69
N SER E 117 1.60 30.30 8.54
CA SER E 117 2.66 31.31 8.35
C SER E 117 3.56 31.47 9.58
N ARG E 118 3.11 31.01 10.75
CA ARG E 118 3.98 31.01 11.94
C ARG E 118 5.01 29.88 11.92
N LEU E 119 4.58 28.68 11.57
CA LEU E 119 5.44 27.50 11.70
C LEU E 119 6.19 27.14 10.41
N ASN E 120 5.82 27.81 9.34
CA ASN E 120 6.42 27.53 8.05
C ASN E 120 6.06 28.63 7.09
N PRO E 121 6.57 29.84 7.35
CA PRO E 121 6.27 30.96 6.46
C PRO E 121 6.80 30.72 5.06
N SER E 122 7.98 30.10 4.96
CA SER E 122 8.57 29.79 3.66
C SER E 122 7.60 29.04 2.73
N ALA E 123 6.93 28.00 3.24
CA ALA E 123 5.98 27.25 2.41
C ALA E 123 4.73 28.05 2.05
N VAL E 124 4.27 28.88 2.97
CA VAL E 124 3.11 29.72 2.68
C VAL E 124 3.44 30.74 1.60
N ALA E 125 4.63 31.32 1.72
CA ALA E 125 5.04 32.29 0.73
C ALA E 125 5.05 31.64 -0.66
N THR E 126 5.90 30.63 -0.88
CA THR E 126 5.96 30.01 -2.21
C THR E 126 4.58 29.56 -2.71
N ALA E 127 3.74 29.06 -1.82
CA ALA E 127 2.36 28.77 -2.21
C ALA E 127 1.69 30.01 -2.77
N ALA E 128 1.88 31.14 -2.09
CA ALA E 128 1.19 32.39 -2.43
C ALA E 128 1.74 33.05 -3.69
N LEU E 129 3.05 32.96 -3.88
CA LEU E 129 3.72 33.69 -4.95
C LEU E 129 3.87 32.88 -6.22
N GLY E 130 3.89 31.55 -6.09
CA GLY E 130 4.13 30.69 -7.23
C GLY E 130 5.59 30.56 -7.66
N GLN E 131 6.53 31.01 -6.81
CA GLN E 131 7.94 30.74 -7.08
C GLN E 131 8.54 30.23 -5.80
N ARG E 132 9.75 29.66 -5.88
CA ARG E 132 10.41 29.11 -4.71
C ARG E 132 11.07 30.20 -3.88
N VAL E 133 10.54 30.45 -2.69
CA VAL E 133 11.09 31.48 -1.80
C VAL E 133 11.20 31.05 -0.34
N SER E 134 12.30 31.46 0.28
CA SER E 134 12.52 31.26 1.70
C SER E 134 11.96 32.47 2.44
N ALA E 135 11.40 32.24 3.62
CA ALA E 135 10.87 33.32 4.41
C ALA E 135 11.21 33.12 5.88
N ARG E 136 11.05 34.18 6.66
CA ARG E 136 11.14 34.09 8.10
C ARG E 136 10.26 35.16 8.67
N MET E 137 9.84 34.99 9.91
CA MET E 137 8.98 35.95 10.58
C MET E 137 9.82 36.91 11.38
N LEU E 138 9.53 38.20 11.20
CA LEU E 138 10.02 39.22 12.12
C LEU E 138 8.83 39.66 12.99
N GLY E 139 8.50 38.85 13.99
CA GLY E 139 7.28 39.06 14.74
C GLY E 139 6.07 38.69 13.92
N ASP E 140 5.24 39.68 13.58
CA ASP E 140 3.97 39.45 12.90
C ASP E 140 4.07 39.71 11.43
N VAL E 141 5.28 39.86 10.94
CA VAL E 141 5.44 40.13 9.54
C VAL E 141 6.48 39.20 8.95
N MET E 142 6.51 39.14 7.61
CA MET E 142 7.26 38.11 6.91
C MET E 142 8.27 38.76 6.01
N ALA E 143 9.52 38.29 6.08
CA ALA E 143 10.56 38.75 5.15
C ALA E 143 10.88 37.67 4.08
N ILE E 144 10.63 38.03 2.81
CA ILE E 144 10.81 37.12 1.67
C ILE E 144 12.16 37.28 0.94
N SER E 145 12.63 36.20 0.32
CA SER E 145 13.79 36.22 -0.56
C SER E 145 13.64 35.05 -1.51
N ARG E 146 13.62 35.32 -2.82
CA ARG E 146 13.49 34.27 -3.84
C ARG E 146 14.61 33.23 -3.71
N CYS E 147 14.32 31.98 -4.08
CA CYS E 147 15.35 30.94 -4.05
C CYS E 147 16.08 30.82 -5.39
N VAL E 148 17.25 30.21 -5.36
CA VAL E 148 18.13 30.13 -6.53
C VAL E 148 18.32 28.70 -7.03
N GLU E 149 18.00 28.44 -8.30
CA GLU E 149 18.20 27.10 -8.88
C GLU E 149 19.64 26.63 -8.74
N VAL E 150 19.79 25.37 -8.36
CA VAL E 150 21.10 24.74 -8.41
C VAL E 150 21.20 24.01 -9.73
N ARG E 151 21.57 24.77 -10.76
CA ARG E 151 21.85 24.22 -12.07
C ARG E 151 23.12 23.38 -11.89
N GLY E 152 23.17 22.22 -12.54
CA GLY E 152 24.31 21.34 -12.42
C GLY E 152 24.02 20.09 -11.61
N GLY E 153 25.08 19.36 -11.27
CA GLY E 153 24.96 18.07 -10.60
C GLY E 153 24.86 18.14 -9.09
N VAL E 154 24.41 17.03 -8.49
CA VAL E 154 24.14 16.91 -7.06
C VAL E 154 24.40 15.47 -6.64
N TYR E 155 25.19 15.26 -5.59
CA TYR E 155 25.53 13.90 -5.16
C TYR E 155 25.31 13.64 -3.69
N VAL E 156 24.48 12.66 -3.39
CA VAL E 156 24.23 12.28 -2.00
C VAL E 156 25.34 11.36 -1.57
N GLN E 157 25.54 11.23 -0.27
CA GLN E 157 26.63 10.38 0.20
C GLN E 157 26.15 9.14 0.95
N ASN E 158 26.92 8.06 0.84
CA ASN E 158 26.53 6.76 1.37
C ASN E 158 26.22 6.72 2.87
N SER E 159 26.89 7.55 3.66
CA SER E 159 26.62 7.56 5.08
C SER E 159 25.72 8.70 5.55
N MET E 160 25.07 8.46 6.68
CA MET E 160 24.23 9.43 7.37
C MET E 160 24.58 9.28 8.83
N ARG E 161 25.72 8.66 9.08
CA ARG E 161 26.29 8.61 10.42
C ARG E 161 27.26 9.78 10.59
N VAL E 162 27.23 10.43 11.75
CA VAL E 162 28.19 11.48 12.08
C VAL E 162 29.56 10.85 12.38
N PRO E 163 30.60 11.26 11.63
CA PRO E 163 31.95 10.74 11.84
C PRO E 163 32.50 11.00 13.25
N GLY E 164 32.09 12.10 13.87
CA GLY E 164 32.64 12.48 15.16
C GLY E 164 31.81 12.12 16.40
N GLU E 165 30.77 11.31 16.22
CA GLU E 165 29.90 10.98 17.35
C GLU E 165 28.95 9.80 17.10
N ARG E 166 29.25 8.65 17.67
CA ARG E 166 28.34 7.50 17.61
C ARG E 166 27.04 7.87 18.35
N GLY E 167 25.91 7.30 17.91
CA GLY E 167 24.63 7.57 18.56
C GLY E 167 23.92 8.83 18.10
N THR E 168 24.53 9.53 17.13
CA THR E 168 23.90 10.68 16.48
C THR E 168 24.05 10.57 14.96
N CYS E 169 22.94 10.74 14.25
CA CYS E 169 22.95 10.68 12.79
C CYS E 169 22.28 11.91 12.18
N TYR E 170 22.66 12.24 10.96
CA TYR E 170 21.91 13.21 10.18
C TYR E 170 20.53 12.64 9.91
N SER E 171 19.49 13.43 10.12
CA SER E 171 18.12 12.98 9.85
C SER E 171 17.69 13.18 8.39
N ARG E 172 18.65 13.49 7.53
CA ARG E 172 18.42 13.71 6.10
C ARG E 172 19.77 13.60 5.42
N PRO E 173 19.81 13.07 4.18
CA PRO E 173 21.09 12.77 3.54
C PRO E 173 21.99 13.99 3.43
N LEU E 174 23.29 13.74 3.40
CA LEU E 174 24.26 14.79 3.15
C LEU E 174 24.51 14.86 1.64
N VAL E 175 24.58 16.07 1.10
CA VAL E 175 24.88 16.24 -0.33
C VAL E 175 26.08 17.15 -0.56
N THR E 176 26.65 17.05 -1.77
CA THR E 176 27.61 18.03 -2.24
C THR E 176 27.13 18.58 -3.59
N PHE E 177 27.14 19.90 -3.73
CA PHE E 177 26.67 20.54 -4.97
C PHE E 177 27.43 21.83 -5.31
N GLU E 178 26.95 22.52 -6.34
CA GLU E 178 27.64 23.66 -6.92
C GLU E 178 26.83 24.95 -6.85
N VAL E 184 32.31 23.68 -5.46
CA VAL E 184 31.78 22.58 -4.65
C VAL E 184 31.49 23.02 -3.20
N ILE E 185 30.52 22.35 -2.58
CA ILE E 185 29.95 22.78 -1.30
C ILE E 185 29.36 21.57 -0.58
N GLU E 186 29.65 21.46 0.72
CA GLU E 186 29.13 20.38 1.55
C GLU E 186 27.92 20.85 2.31
N GLY E 187 26.75 20.33 1.92
CA GLY E 187 25.50 20.69 2.56
C GLY E 187 24.71 19.44 2.82
N GLN E 188 23.41 19.58 3.06
CA GLN E 188 22.58 18.42 3.23
C GLN E 188 21.21 18.60 2.58
N LEU E 189 20.57 17.48 2.24
CA LEU E 189 19.27 17.48 1.54
C LEU E 189 18.12 17.90 2.44
N GLY E 190 17.48 18.99 2.05
CA GLY E 190 16.37 19.51 2.76
C GLY E 190 15.07 18.99 2.23
N ASP E 191 14.05 19.83 2.25
CA ASP E 191 12.72 19.43 1.79
C ASP E 191 12.32 19.89 0.40
N ASP E 192 11.44 19.14 -0.23
CA ASP E 192 10.99 19.38 -1.61
C ASP E 192 12.20 19.86 -2.38
N ASN E 193 13.37 19.27 -2.15
CA ASN E 193 14.50 19.49 -3.00
C ASN E 193 15.15 20.82 -2.74
N GLU E 194 15.12 21.30 -1.51
CA GLU E 194 15.97 22.43 -1.25
C GLU E 194 17.27 21.87 -0.75
N LEU E 195 18.38 22.46 -1.20
CA LEU E 195 19.69 22.07 -0.69
C LEU E 195 20.22 23.09 0.35
N LEU E 196 20.28 22.65 1.60
CA LEU E 196 20.81 23.41 2.70
C LEU E 196 22.32 23.46 2.62
N ILE E 197 22.91 24.52 3.19
CA ILE E 197 24.36 24.69 3.15
C ILE E 197 24.94 24.40 4.53
N SER E 198 24.04 24.15 5.47
CA SER E 198 24.43 23.72 6.79
C SER E 198 24.04 22.27 7.03
N ARG E 199 25.05 21.41 7.10
CA ARG E 199 24.86 20.04 7.54
C ARG E 199 24.53 19.99 9.01
N ASP E 200 23.35 20.46 9.42
CA ASP E 200 23.04 20.45 10.85
C ASP E 200 21.59 20.13 11.20
N LEU E 201 21.02 19.17 10.48
CA LEU E 201 19.80 18.48 10.92
C LEU E 201 20.28 17.15 11.47
N ILE E 202 19.98 16.89 12.75
CA ILE E 202 20.56 15.75 13.48
C ILE E 202 19.59 15.11 14.49
N GLU E 203 19.58 13.78 14.52
CA GLU E 203 18.71 13.01 15.39
C GLU E 203 19.50 11.91 16.13
N PRO E 204 19.04 11.51 17.32
CA PRO E 204 19.57 10.31 18.00
C PRO E 204 19.30 9.03 17.21
N CYS E 205 20.33 8.22 17.01
CA CYS E 205 20.22 6.96 16.25
C CYS E 205 19.32 5.91 16.89
N THR E 206 18.38 5.40 16.09
CA THR E 206 17.50 4.32 16.53
C THR E 206 17.72 3.08 15.65
N GLY E 207 17.04 1.98 15.96
CA GLY E 207 17.15 0.79 15.13
C GLY E 207 16.02 0.80 14.12
N ASN E 208 15.94 -0.23 13.29
CA ASN E 208 14.84 -0.39 12.33
C ASN E 208 14.63 0.85 11.49
N HIS E 209 15.73 1.48 11.11
CA HIS E 209 15.67 2.78 10.46
C HIS E 209 15.67 2.68 8.94
N ARG E 210 14.53 3.02 8.36
CA ARG E 210 14.38 3.05 6.91
C ARG E 210 13.77 4.39 6.47
N ARG E 211 14.30 4.97 5.39
CA ARG E 211 13.93 6.32 5.03
C ARG E 211 14.00 6.54 3.55
N TYR E 212 12.96 7.18 3.04
CA TYR E 212 12.91 7.60 1.65
C TYR E 212 12.95 9.12 1.69
N PHE E 213 13.65 9.73 0.73
CA PHE E 213 13.76 11.19 0.70
C PHE E 213 13.57 11.68 -0.73
N LYS E 214 12.73 12.69 -0.93
CA LYS E 214 12.62 13.28 -2.26
C LYS E 214 13.96 13.81 -2.79
N LEU E 215 14.45 13.21 -3.88
CA LEU E 215 15.71 13.63 -4.53
C LEU E 215 15.48 13.84 -6.02
N GLY E 216 15.57 15.09 -6.45
CA GLY E 216 15.22 15.43 -7.81
C GLY E 216 13.81 14.98 -8.11
N GLY E 217 13.66 14.08 -9.09
CA GLY E 217 12.35 13.64 -9.54
C GLY E 217 11.93 12.30 -8.97
N GLY E 218 12.86 11.65 -8.28
CA GLY E 218 12.58 10.37 -7.65
C GLY E 218 12.99 10.41 -6.20
N TYR E 219 13.12 9.25 -5.57
CA TYR E 219 13.43 9.19 -4.16
C TYR E 219 14.67 8.36 -3.90
N VAL E 220 15.41 8.69 -2.86
CA VAL E 220 16.54 7.86 -2.48
C VAL E 220 16.20 7.10 -1.21
N TYR E 221 16.68 5.87 -1.12
CA TYR E 221 16.32 5.00 -0.02
C TYR E 221 17.53 4.71 0.88
N TYR E 222 17.33 4.85 2.18
CA TYR E 222 18.41 4.67 3.16
C TYR E 222 17.99 3.67 4.20
N GLU E 223 18.93 2.85 4.64
CA GLU E 223 18.64 1.73 5.52
C GLU E 223 19.74 1.58 6.56
N ASP E 224 19.35 1.62 7.82
CA ASP E 224 20.29 1.74 8.93
C ASP E 224 21.35 2.81 8.65
N TYR E 225 20.89 3.97 8.15
CA TYR E 225 21.73 5.15 7.89
C TYR E 225 22.82 4.98 6.83
N SER E 226 22.70 3.91 6.04
CA SER E 226 23.62 3.68 4.95
C SER E 226 22.77 3.74 3.69
N TYR E 227 23.33 4.26 2.62
CA TYR E 227 22.58 4.38 1.38
C TYR E 227 22.37 3.00 0.76
N VAL E 228 21.24 2.83 0.04
CA VAL E 228 20.91 1.59 -0.66
C VAL E 228 20.64 1.80 -2.14
N ARG E 229 19.60 2.54 -2.48
CA ARG E 229 19.24 2.69 -3.89
C ARG E 229 18.24 3.78 -4.12
N MET E 230 18.07 4.13 -5.40
CA MET E 230 17.04 5.08 -5.83
C MET E 230 15.78 4.28 -6.16
N VAL E 231 14.63 4.76 -5.69
CA VAL E 231 13.35 4.09 -5.95
C VAL E 231 12.38 5.09 -6.52
N GLU E 232 11.38 4.61 -7.25
CA GLU E 232 10.29 5.50 -7.61
C GLU E 232 9.12 5.14 -6.70
N VAL E 233 8.28 6.12 -6.38
CA VAL E 233 7.19 5.88 -5.44
C VAL E 233 5.90 6.42 -6.04
N PRO E 234 5.34 5.69 -7.02
CA PRO E 234 4.18 6.20 -7.78
C PRO E 234 2.87 5.92 -7.07
N GLU E 235 2.90 5.09 -6.03
CA GLU E 235 1.75 4.88 -5.17
C GLU E 235 1.40 6.22 -4.53
N THR E 236 0.17 6.63 -4.72
CA THR E 236 -0.19 7.98 -4.42
C THR E 236 -1.48 7.99 -3.65
N ILE E 237 -1.45 8.76 -2.57
CA ILE E 237 -2.60 8.98 -1.74
C ILE E 237 -2.96 10.44 -1.97
N SER E 238 -4.24 10.78 -1.84
CA SER E 238 -4.60 12.14 -2.16
C SER E 238 -5.85 12.60 -1.46
N THR E 239 -5.86 13.89 -1.14
CA THR E 239 -7.01 14.52 -0.51
C THR E 239 -7.71 15.43 -1.49
N ARG E 240 -7.21 15.50 -2.73
CA ARG E 240 -7.86 16.33 -3.73
C ARG E 240 -9.33 15.96 -3.85
N VAL E 241 -10.19 16.96 -3.88
CA VAL E 241 -11.58 16.71 -4.17
C VAL E 241 -11.80 17.01 -5.65
N THR E 242 -12.31 16.03 -6.39
CA THR E 242 -12.47 16.23 -7.83
C THR E 242 -13.88 16.69 -8.17
N LEU E 243 -13.98 17.49 -9.23
CA LEU E 243 -15.23 18.10 -9.66
C LEU E 243 -15.34 17.91 -11.17
N ASN E 244 -15.96 16.82 -11.60
CA ASN E 244 -16.06 16.53 -13.04
C ASN E 244 -17.19 17.32 -13.71
N ASP F 61 -19.08 7.78 17.31
CA ASP F 61 -18.79 6.84 16.23
C ASP F 61 -18.09 5.56 16.71
N ARG F 62 -17.22 5.00 15.87
CA ARG F 62 -16.72 3.63 16.06
C ARG F 62 -15.35 3.52 16.72
N PHE F 63 -15.13 2.41 17.43
CA PHE F 63 -13.84 2.10 18.02
C PHE F 63 -12.92 1.51 16.98
N TYR F 64 -11.63 1.84 17.06
CA TYR F 64 -10.66 1.23 16.16
C TYR F 64 -9.44 0.82 16.96
N VAL F 65 -8.75 -0.21 16.49
CA VAL F 65 -7.39 -0.50 16.90
C VAL F 65 -6.54 -0.42 15.63
N CYS F 66 -5.34 0.12 15.77
CA CYS F 66 -4.51 0.35 14.60
C CYS F 66 -3.21 -0.41 14.71
N PRO F 67 -3.01 -1.37 13.81
CA PRO F 67 -1.71 -2.04 13.93
C PRO F 67 -0.61 -1.07 13.49
N PRO F 68 0.64 -1.36 13.86
CA PRO F 68 1.74 -0.50 13.44
C PRO F 68 1.83 -0.52 11.91
N PRO F 69 2.13 0.64 11.29
CA PRO F 69 2.42 0.59 9.85
C PRO F 69 3.71 -0.15 9.68
N SER F 70 3.76 -1.09 8.75
CA SER F 70 5.02 -1.80 8.56
C SER F 70 5.75 -1.04 7.48
N GLY F 71 6.95 -1.47 7.13
CA GLY F 71 7.73 -0.65 6.23
C GLY F 71 7.75 -1.19 4.83
N SER F 72 7.07 -2.32 4.66
CA SER F 72 7.17 -3.12 3.45
C SER F 72 6.72 -2.37 2.23
N THR F 73 5.66 -1.60 2.43
CA THR F 73 4.90 -0.91 1.39
C THR F 73 4.87 0.60 1.72
N VAL F 74 4.98 1.45 0.72
CA VAL F 74 5.13 2.86 1.05
C VAL F 74 4.44 3.78 0.03
N VAL F 75 3.77 4.83 0.52
CA VAL F 75 3.06 5.75 -0.37
C VAL F 75 3.40 7.21 -0.07
N ARG F 76 2.96 8.13 -0.93
CA ARG F 76 3.27 9.56 -0.77
C ARG F 76 2.09 10.45 -1.12
N LEU F 77 2.02 11.64 -0.54
CA LEU F 77 0.92 12.55 -0.89
C LEU F 77 1.05 12.99 -2.35
N GLU F 78 -0.04 12.78 -3.10
CA GLU F 78 -0.11 13.21 -4.50
C GLU F 78 0.16 14.70 -4.65
N PRO F 79 1.21 15.06 -5.40
CA PRO F 79 1.59 16.43 -5.74
C PRO F 79 0.53 17.23 -6.50
N GLU F 80 0.82 18.51 -6.67
CA GLU F 80 -0.17 19.43 -7.20
C GLU F 80 -0.38 19.08 -8.66
N GLN F 81 -1.53 19.49 -9.21
CA GLN F 81 -1.81 19.16 -10.60
C GLN F 81 -1.99 20.36 -11.51
N ALA F 82 -1.49 20.22 -12.74
CA ALA F 82 -1.65 21.21 -13.78
C ALA F 82 -3.13 21.47 -13.96
N CYS F 83 -3.49 22.74 -14.10
CA CYS F 83 -4.88 23.07 -14.33
C CYS F 83 -5.19 23.22 -15.82
N PRO F 84 -6.41 22.83 -16.23
CA PRO F 84 -6.96 23.08 -17.57
C PRO F 84 -6.72 24.52 -18.03
N ASP F 93 -19.10 29.55 -20.46
CA ASP F 93 -17.99 30.33 -19.93
C ASP F 93 -17.90 30.17 -18.42
N MET F 94 -19.02 30.39 -17.74
CA MET F 94 -19.04 30.44 -16.28
C MET F 94 -18.59 29.15 -15.59
N LEU F 95 -19.08 28.01 -16.09
CA LEU F 95 -18.71 26.71 -15.53
C LEU F 95 -17.26 26.33 -15.88
N SER F 96 -16.75 26.93 -16.95
CA SER F 96 -15.34 26.77 -17.32
C SER F 96 -14.46 27.46 -16.27
N ARG F 97 -14.96 28.57 -15.74
CA ARG F 97 -14.22 29.39 -14.78
C ARG F 97 -14.09 28.69 -13.43
N ILE F 98 -15.22 28.19 -12.92
CA ILE F 98 -15.26 27.47 -11.66
C ILE F 98 -14.17 26.41 -11.57
N ALA F 99 -14.22 25.43 -12.47
CA ALA F 99 -13.30 24.30 -12.42
C ALA F 99 -11.84 24.78 -12.37
N ALA F 100 -11.57 25.86 -13.09
CA ALA F 100 -10.24 26.47 -13.09
C ALA F 100 -9.85 26.96 -11.70
N ALA F 101 -10.76 27.67 -11.02
CA ALA F 101 -10.56 28.10 -9.64
C ALA F 101 -10.44 26.92 -8.71
N TRP F 102 -11.35 25.96 -8.89
CA TRP F 102 -11.43 24.76 -8.07
C TRP F 102 -10.14 23.96 -8.11
N CYS F 103 -9.48 23.94 -9.26
CA CYS F 103 -8.23 23.23 -9.36
C CYS F 103 -7.18 23.98 -8.55
N GLU F 104 -7.16 25.30 -8.68
CA GLU F 104 -6.16 26.11 -7.97
C GLU F 104 -6.33 26.01 -6.47
N LEU F 105 -7.57 26.14 -6.00
CA LEU F 105 -7.87 25.88 -4.60
C LEU F 105 -7.28 24.55 -4.13
N GLN F 106 -7.47 23.50 -4.90
CA GLN F 106 -6.86 22.21 -4.56
C GLN F 106 -5.36 22.33 -4.46
N ASN F 107 -4.75 22.85 -5.52
CA ASN F 107 -3.30 23.00 -5.57
C ASN F 107 -2.76 23.71 -4.34
N LYS F 108 -3.45 24.75 -3.90
CA LYS F 108 -2.97 25.58 -2.78
C LYS F 108 -3.09 24.83 -1.46
N ASP F 109 -4.31 24.35 -1.20
CA ASP F 109 -4.63 23.47 -0.06
C ASP F 109 -3.72 22.26 0.08
N ARG F 110 -3.09 21.83 -1.01
CA ARG F 110 -2.09 20.79 -0.92
C ARG F 110 -0.95 21.21 0.03
N THR F 111 -0.58 22.49 0.01
CA THR F 111 0.49 22.95 0.91
C THR F 111 0.10 22.78 2.38
N LEU F 112 -1.18 23.00 2.67
CA LEU F 112 -1.77 22.73 3.98
C LEU F 112 -1.65 21.26 4.42
N TRP F 113 -2.18 20.36 3.61
CA TRP F 113 -2.11 18.90 3.87
C TRP F 113 -0.67 18.44 3.98
N GLY F 114 0.12 18.76 2.96
CA GLY F 114 1.54 18.50 2.98
C GLY F 114 2.17 18.75 4.32
N GLU F 115 1.82 19.89 4.94
CA GLU F 115 2.35 20.29 6.24
C GLU F 115 1.78 19.46 7.34
N MET F 116 0.50 19.14 7.21
CA MET F 116 -0.17 18.33 8.20
C MET F 116 0.38 16.91 8.27
N SER F 117 0.85 16.38 7.13
CA SER F 117 1.34 15.01 7.12
C SER F 117 2.60 14.86 7.99
N ARG F 118 3.08 15.97 8.53
CA ARG F 118 4.25 15.92 9.39
C ARG F 118 3.82 15.58 10.81
N LEU F 119 3.08 16.49 11.42
CA LEU F 119 2.55 16.25 12.75
C LEU F 119 1.72 14.99 12.75
N ASN F 120 0.84 14.86 11.76
CA ASN F 120 -0.21 13.84 11.80
C ASN F 120 -0.49 13.10 10.49
N PRO F 121 0.46 12.30 10.00
CA PRO F 121 0.20 11.53 8.77
C PRO F 121 -1.04 10.61 8.89
N SER F 122 -1.29 10.01 10.07
CA SER F 122 -2.51 9.23 10.30
C SER F 122 -3.72 9.94 9.75
N ALA F 123 -4.04 11.10 10.32
CA ALA F 123 -5.27 11.84 9.96
C ALA F 123 -5.39 12.22 8.48
N VAL F 124 -4.28 12.56 7.84
CA VAL F 124 -4.29 12.85 6.42
C VAL F 124 -4.57 11.54 5.66
N ALA F 125 -3.77 10.53 5.97
CA ALA F 125 -3.92 9.23 5.35
C ALA F 125 -5.35 8.73 5.44
N THR F 126 -6.01 8.96 6.58
CA THR F 126 -7.39 8.50 6.66
C THR F 126 -8.42 9.35 5.97
N ALA F 127 -8.13 10.62 5.73
CA ALA F 127 -9.07 11.47 4.99
C ALA F 127 -8.87 11.21 3.52
N ALA F 128 -7.66 10.86 3.13
CA ALA F 128 -7.41 10.50 1.74
C ALA F 128 -8.01 9.11 1.38
N LEU F 129 -7.93 8.14 2.29
CA LEU F 129 -8.33 6.79 1.92
C LEU F 129 -9.75 6.48 2.25
N GLY F 130 -10.46 7.40 2.89
CA GLY F 130 -11.84 7.13 3.23
C GLY F 130 -12.03 6.14 4.35
N GLN F 131 -10.97 5.49 4.81
CA GLN F 131 -11.06 4.67 6.03
C GLN F 131 -9.98 5.01 7.09
N ARG F 132 -10.29 4.68 8.33
CA ARG F 132 -9.37 4.86 9.43
C ARG F 132 -8.05 4.18 9.15
N VAL F 133 -7.01 4.95 8.99
CA VAL F 133 -5.72 4.38 8.81
C VAL F 133 -4.80 5.06 9.80
N SER F 134 -3.66 4.42 10.06
CA SER F 134 -2.69 4.92 11.00
C SER F 134 -1.43 5.01 10.18
N ALA F 135 -0.72 6.13 10.25
CA ALA F 135 0.45 6.22 9.43
C ALA F 135 1.58 6.88 10.18
N ARG F 136 2.73 6.84 9.56
CA ARG F 136 3.93 7.46 10.11
C ARG F 136 4.92 7.77 8.97
N MET F 137 5.53 8.97 9.01
CA MET F 137 6.45 9.37 7.96
C MET F 137 7.74 8.59 8.04
N LEU F 138 8.31 8.28 6.87
CA LEU F 138 9.63 7.67 6.77
C LEU F 138 10.45 8.53 5.82
N GLY F 139 10.83 9.72 6.29
CA GLY F 139 11.38 10.73 5.43
C GLY F 139 10.23 11.49 4.84
N ASP F 140 10.22 11.63 3.51
CA ASP F 140 9.21 12.41 2.80
C ASP F 140 8.12 11.52 2.22
N VAL F 141 7.95 10.37 2.85
CA VAL F 141 7.04 9.34 2.36
C VAL F 141 6.34 8.70 3.55
N MET F 142 5.16 8.15 3.32
CA MET F 142 4.31 7.74 4.42
C MET F 142 4.10 6.21 4.41
N ALA F 143 3.94 5.62 5.59
CA ALA F 143 3.60 4.21 5.69
C ALA F 143 2.22 3.98 6.33
N ILE F 144 1.35 3.31 5.57
CA ILE F 144 -0.07 3.16 5.87
C ILE F 144 -0.28 1.95 6.76
N SER F 145 -1.45 1.87 7.40
CA SER F 145 -1.94 0.64 7.98
C SER F 145 -3.44 0.79 8.24
N ARG F 146 -4.25 -0.14 7.72
CA ARG F 146 -5.70 -0.05 7.83
C ARG F 146 -6.11 -0.52 9.19
N CYS F 147 -7.11 0.14 9.76
CA CYS F 147 -7.46 -0.10 11.15
C CYS F 147 -8.65 -1.01 11.24
N VAL F 148 -8.73 -1.71 12.36
CA VAL F 148 -9.77 -2.69 12.56
C VAL F 148 -10.71 -2.21 13.64
N GLU F 149 -12.02 -2.25 13.32
CA GLU F 149 -13.04 -1.87 14.27
C GLU F 149 -13.01 -2.78 15.47
N VAL F 150 -13.38 -2.24 16.62
CA VAL F 150 -13.57 -3.03 17.83
C VAL F 150 -15.04 -3.01 18.16
N ARG F 151 -15.74 -4.06 17.74
CA ARG F 151 -17.08 -4.30 18.23
C ARG F 151 -16.85 -5.24 19.41
N GLY F 152 -17.57 -5.02 20.50
CA GLY F 152 -17.18 -5.66 21.74
C GLY F 152 -17.07 -4.71 22.92
N GLY F 153 -16.98 -5.28 24.11
CA GLY F 153 -16.99 -4.47 25.33
C GLY F 153 -15.71 -3.69 25.54
N VAL F 154 -15.85 -2.36 25.61
CA VAL F 154 -14.75 -1.46 25.98
C VAL F 154 -15.02 -0.89 27.36
N TYR F 155 -14.22 -1.21 28.36
CA TYR F 155 -14.54 -0.76 29.72
C TYR F 155 -13.60 0.35 30.22
N VAL F 156 -14.15 1.44 30.74
CA VAL F 156 -13.31 2.61 31.10
C VAL F 156 -12.85 2.64 32.55
N GLN F 157 -11.55 2.70 32.77
CA GLN F 157 -11.05 2.66 34.13
C GLN F 157 -11.29 3.98 34.91
N ASN F 158 -11.30 3.87 36.23
CA ASN F 158 -11.61 5.00 37.10
C ASN F 158 -10.45 5.97 37.26
N SER F 159 -9.27 5.43 37.55
CA SER F 159 -8.14 6.26 37.98
C SER F 159 -7.22 6.57 36.82
N MET F 160 -6.92 7.84 36.64
CA MET F 160 -5.94 8.21 35.64
C MET F 160 -4.55 8.38 36.27
N ARG F 161 -4.37 7.77 37.42
CA ARG F 161 -3.11 7.85 38.16
C ARG F 161 -2.19 6.67 37.86
N VAL F 162 -0.96 6.98 37.48
CA VAL F 162 0.01 5.94 37.17
C VAL F 162 0.51 5.35 38.48
N PRO F 163 0.49 4.01 38.60
CA PRO F 163 1.12 3.37 39.75
C PRO F 163 2.57 3.01 39.44
N GLY F 164 3.55 3.78 39.93
CA GLY F 164 3.32 4.95 40.75
C GLY F 164 4.60 5.28 41.50
N GLU F 165 5.46 6.15 41.03
CA GLU F 165 5.23 7.01 39.92
C GLU F 165 4.20 7.97 40.35
N ARG F 166 4.32 8.38 41.59
CA ARG F 166 3.45 9.32 42.20
C ARG F 166 3.68 10.54 41.37
N GLY F 167 2.76 11.47 41.34
CA GLY F 167 2.95 12.65 40.51
C GLY F 167 2.48 12.44 39.10
N THR F 168 3.05 11.41 38.47
CA THR F 168 2.80 10.96 37.09
C THR F 168 1.32 10.61 36.87
N CYS F 169 0.77 11.05 35.75
CA CYS F 169 -0.61 10.76 35.45
C CYS F 169 -0.89 10.52 33.94
N TYR F 170 -1.73 9.57 33.57
CA TYR F 170 -2.04 9.38 32.15
C TYR F 170 -2.71 10.63 31.60
N SER F 171 -2.46 10.95 30.33
CA SER F 171 -3.07 12.12 29.68
C SER F 171 -4.49 11.79 29.27
N ARG F 172 -4.70 10.50 28.99
CA ARG F 172 -5.99 10.04 28.48
C ARG F 172 -6.41 8.82 29.29
N PRO F 173 -7.72 8.55 29.36
CA PRO F 173 -8.18 7.51 30.29
C PRO F 173 -7.79 6.08 29.87
N LEU F 174 -7.53 5.22 30.85
CA LEU F 174 -7.26 3.81 30.54
C LEU F 174 -8.57 3.09 30.19
N VAL F 175 -8.45 2.06 29.36
CA VAL F 175 -9.57 1.19 29.07
C VAL F 175 -9.09 -0.24 28.99
N THR F 176 -10.02 -1.16 29.17
CA THR F 176 -9.77 -2.56 28.89
C THR F 176 -10.76 -2.94 27.82
N PHE F 177 -10.26 -3.58 26.77
CA PHE F 177 -11.18 -4.06 25.75
C PHE F 177 -10.92 -5.50 25.35
N GLU F 178 -11.87 -6.07 24.62
CA GLU F 178 -11.79 -7.46 24.23
C GLU F 178 -10.94 -7.53 22.97
N HIS F 179 -9.96 -8.43 22.95
CA HIS F 179 -8.99 -8.58 21.86
C HIS F 179 -9.67 -8.60 20.49
N VAL F 184 -8.36 -10.01 27.03
CA VAL F 184 -8.46 -8.65 27.54
C VAL F 184 -7.17 -7.81 27.42
N ILE F 185 -7.27 -6.68 26.73
CA ILE F 185 -6.14 -5.78 26.59
C ILE F 185 -6.24 -4.61 27.55
N GLU F 186 -5.16 -4.31 28.26
CA GLU F 186 -5.08 -3.14 29.13
C GLU F 186 -4.43 -1.99 28.38
N GLY F 187 -5.23 -1.20 27.68
CA GLY F 187 -4.69 -0.12 26.87
C GLY F 187 -5.21 1.22 27.31
N GLN F 188 -5.39 2.13 26.35
CA GLN F 188 -5.90 3.44 26.71
C GLN F 188 -6.59 4.22 25.59
N LEU F 189 -7.62 4.96 25.97
CA LEU F 189 -8.41 5.73 25.04
C LEU F 189 -7.54 6.74 24.27
N GLY F 190 -7.36 6.48 22.98
CA GLY F 190 -6.59 7.35 22.11
C GLY F 190 -7.48 8.37 21.38
N ASP F 191 -6.96 8.95 20.30
CA ASP F 191 -7.63 10.07 19.63
C ASP F 191 -8.82 9.66 18.82
N ASP F 192 -9.94 10.32 19.08
CA ASP F 192 -11.14 10.15 18.28
C ASP F 192 -11.46 8.69 18.08
N ASN F 193 -11.73 8.06 19.21
CA ASN F 193 -12.14 6.66 19.31
C ASN F 193 -11.13 5.58 18.92
N GLU F 194 -9.87 5.93 18.69
CA GLU F 194 -8.87 4.88 18.54
C GLU F 194 -8.55 4.30 19.92
N LEU F 195 -8.30 2.99 19.97
CA LEU F 195 -7.92 2.33 21.21
C LEU F 195 -6.49 1.88 21.01
N LEU F 196 -5.70 2.06 22.06
CA LEU F 196 -4.29 1.77 21.99
C LEU F 196 -4.05 0.63 22.94
N ILE F 197 -3.17 -0.29 22.56
CA ILE F 197 -2.80 -1.37 23.46
C ILE F 197 -1.88 -0.84 24.54
N SER F 198 -1.02 0.09 24.14
CA SER F 198 -0.09 0.71 25.05
C SER F 198 -0.83 1.51 26.10
N ARG F 199 -0.12 1.78 27.19
CA ARG F 199 -0.59 2.68 28.24
C ARG F 199 0.51 3.66 28.56
N ASP F 200 0.95 4.41 27.56
CA ASP F 200 2.08 5.29 27.79
C ASP F 200 1.92 6.73 27.31
N LEU F 201 0.68 7.20 27.25
CA LEU F 201 0.41 8.62 27.10
C LEU F 201 0.36 9.18 28.52
N ILE F 202 1.41 9.93 28.86
CA ILE F 202 1.63 10.38 30.24
C ILE F 202 1.97 11.87 30.31
N GLU F 203 1.46 12.51 31.35
CA GLU F 203 1.79 13.90 31.62
C GLU F 203 2.10 14.02 33.12
N PRO F 204 2.56 15.21 33.56
CA PRO F 204 2.70 15.48 35.00
C PRO F 204 1.39 16.03 35.60
N CYS F 205 1.08 15.62 36.83
CA CYS F 205 -0.17 16.00 37.52
C CYS F 205 -0.50 17.51 37.65
N THR F 206 -1.72 17.85 38.06
CA THR F 206 -2.19 19.25 38.03
C THR F 206 -3.36 19.46 39.02
N GLY F 207 -3.89 20.68 39.08
CA GLY F 207 -5.12 20.97 39.80
C GLY F 207 -6.05 21.70 38.84
N ASN F 208 -7.26 22.02 39.29
CA ASN F 208 -8.30 22.58 38.41
C ASN F 208 -8.40 21.69 37.16
N HIS F 209 -8.11 20.40 37.36
CA HIS F 209 -7.97 19.45 36.26
C HIS F 209 -9.31 18.86 35.83
N ARG F 210 -9.91 19.48 34.84
CA ARG F 210 -11.16 19.03 34.26
C ARG F 210 -10.78 18.49 32.89
N ARG F 211 -11.37 17.35 32.50
CA ARG F 211 -11.11 16.75 31.18
C ARG F 211 -12.30 16.00 30.60
N TYR F 212 -12.55 16.19 29.31
CA TYR F 212 -13.59 15.46 28.63
C TYR F 212 -12.95 14.60 27.56
N PHE F 213 -13.27 13.31 27.51
CA PHE F 213 -12.71 12.48 26.45
C PHE F 213 -13.76 11.81 25.62
N LYS F 214 -13.52 11.70 24.34
CA LYS F 214 -14.43 11.05 23.44
C LYS F 214 -14.48 9.55 23.63
N LEU F 215 -15.68 9.02 23.84
CA LEU F 215 -15.85 7.59 24.07
C LEU F 215 -17.05 7.18 23.27
N GLY F 216 -16.82 6.73 22.05
CA GLY F 216 -17.91 6.36 21.22
C GLY F 216 -18.66 7.59 20.80
N GLY F 217 -19.84 7.82 21.30
CA GLY F 217 -20.62 8.97 20.88
C GLY F 217 -21.04 9.84 22.01
N GLY F 218 -20.18 9.93 22.99
CA GLY F 218 -20.44 10.71 24.15
C GLY F 218 -19.10 11.00 24.71
N TYR F 219 -19.05 11.65 25.86
CA TYR F 219 -17.77 12.01 26.46
C TYR F 219 -17.73 11.63 27.91
N VAL F 220 -16.61 11.05 28.31
CA VAL F 220 -16.44 10.63 29.65
C VAL F 220 -15.80 11.85 30.29
N TYR F 221 -16.21 12.20 31.48
CA TYR F 221 -15.71 13.40 32.14
C TYR F 221 -14.87 13.09 33.36
N TYR F 222 -13.64 13.58 33.36
CA TYR F 222 -12.76 13.36 34.49
C TYR F 222 -12.45 14.67 35.22
N GLU F 223 -12.22 14.53 36.53
CA GLU F 223 -11.92 15.65 37.41
C GLU F 223 -11.00 15.12 38.47
N ASP F 224 -9.85 15.76 38.61
CA ASP F 224 -8.86 15.36 39.61
C ASP F 224 -8.39 13.93 39.36
N TYR F 225 -8.23 13.60 38.07
CA TYR F 225 -7.72 12.29 37.64
C TYR F 225 -8.54 11.09 38.10
N SER F 226 -9.83 11.30 38.30
CA SER F 226 -10.73 10.14 38.45
C SER F 226 -12.09 10.39 37.80
N TYR F 227 -12.68 9.31 37.28
CA TYR F 227 -13.96 9.35 36.58
C TYR F 227 -15.05 10.00 37.43
N VAL F 228 -16.03 10.62 36.78
CA VAL F 228 -17.12 11.31 37.45
C VAL F 228 -18.47 11.00 36.80
N ARG F 229 -18.62 11.40 35.54
CA ARG F 229 -19.85 11.22 34.79
C ARG F 229 -19.45 10.76 33.41
N MET F 230 -20.42 10.26 32.66
CA MET F 230 -20.33 10.17 31.20
C MET F 230 -21.35 11.23 30.77
N VAL F 231 -21.16 11.83 29.59
CA VAL F 231 -21.79 13.10 29.30
C VAL F 231 -22.12 13.22 27.82
N GLU F 232 -23.23 13.89 27.50
CA GLU F 232 -23.51 14.30 26.12
C GLU F 232 -23.03 15.74 26.02
N VAL F 233 -22.36 16.10 24.94
CA VAL F 233 -22.10 17.51 24.71
C VAL F 233 -22.89 17.94 23.50
N PRO F 234 -24.10 18.43 23.75
CA PRO F 234 -25.04 18.79 22.67
C PRO F 234 -24.52 19.96 21.85
N GLU F 235 -23.97 20.99 22.49
CA GLU F 235 -23.61 22.22 21.78
C GLU F 235 -22.47 22.02 20.75
N THR F 236 -22.73 22.41 19.51
CA THR F 236 -21.77 22.19 18.42
C THR F 236 -21.27 23.52 17.81
N ILE F 237 -20.10 23.45 17.17
CA ILE F 237 -19.49 24.62 16.53
C ILE F 237 -18.99 24.19 15.16
N SER F 238 -19.39 24.90 14.11
CA SER F 238 -19.06 24.48 12.76
C SER F 238 -18.20 25.50 12.00
N THR F 239 -17.18 25.00 11.30
CA THR F 239 -16.43 25.83 10.35
C THR F 239 -16.77 25.50 8.92
N ARG F 240 -17.93 24.89 8.72
CA ARG F 240 -18.37 24.56 7.36
C ARG F 240 -18.72 25.83 6.60
N VAL F 241 -19.03 25.67 5.33
CA VAL F 241 -19.68 26.73 4.58
C VAL F 241 -20.85 26.10 3.83
N THR F 242 -22.06 26.35 4.32
CA THR F 242 -23.27 25.79 3.71
C THR F 242 -23.44 26.37 2.30
N LEU F 243 -23.91 25.54 1.36
CA LEU F 243 -24.12 25.94 -0.03
C LEU F 243 -25.38 25.31 -0.59
N ASN F 244 -26.53 25.89 -0.24
CA ASN F 244 -27.84 25.35 -0.63
C ASN F 244 -28.17 25.66 -2.09
N LEU F 245 -28.45 24.63 -2.87
CA LEU F 245 -28.78 24.81 -4.27
C LEU F 245 -30.14 24.20 -4.62
#